data_9QCX
#
_entry.id   9QCX
#
_cell.length_a   1.00
_cell.length_b   1.00
_cell.length_c   1.00
_cell.angle_alpha   90.00
_cell.angle_beta   90.00
_cell.angle_gamma   90.00
#
_symmetry.space_group_name_H-M   'P 1'
#
loop_
_entity.id
_entity.type
_entity.pdbx_description
1 polymer 'CDK-activating kinase assembly factor MAT1'
2 polymer Cyclin-H
3 polymer 'Cyclin-dependent kinase 7'
4 polymer 'Cyclin-dependent kinase 2'
5 polymer Cyclin-A2
#
loop_
_entity_poly.entity_id
_entity_poly.type
_entity_poly.pdbx_seq_one_letter_code
_entity_poly.pdbx_strand_id
1 'polypeptide(L)'
;MGSSHHHHHHENLYFQSNAMDDQGCPRCKTTKYRNPSLKLMVNVCGHTLCESCVDLLFVRGAGNCPECGTPLRKSNFRVQ
LFEDPTVDKEVEIRKKVLKIYNKREEDFPSLREYNDFLEEVEEIVFNLTNNVDLDNTKKKMEIYQKENKDVIQKNKLKLT
REQEELEEALEVERQENEQRRLFIQKEEQLQQILKRKNKQAFLDELESSDLPVALLLAQHKDRSTQLEMQLEKPKPVKPV
TFSTGIKMGQHISLAPIHKLEEALYEYQPLQIETYGPHVPELEMLGRLGYLNHVRAASPQDLAGGYTSSLACHRALQDAF
SGLFWQPS
;
H
2 'polypeptide(L)'
;(ACE)MYHNSSQKRHWTFSSEEQLARLRADANRKFRCKAVANGKVLPNDPVFLEPHEEMTLCKYYEKRLLEFCSVFKPAM
PRSVVGTACMYFKRFYLNNSVMEYHPRIIMLTCAFLACKVDEFNVSSPQFVGNLRESPLGQEKALEQILEYELLLIQQLN
FHLIVHNPYRPFEGFLIDLKTRYPILENPEILRKTADDFLNRIALTDAYLLYTPSQIALTAILSSASRAGITMESYLSES
LMLKENRTCLSQLLDIMKSMRNLVKKYEPPRSEEVAVLKQKLERCHSAELALNVITKKRKGYEDDDYVSKKSKHEEEEWT
DDDLVESL
;
I
3 'polypeptide(L)'
;MASWSHPQFEKGGGSGGGSGGGSWSHPQFEKSGGGSENLYFQSNAMALDVKSRAKRYEKLDFLGEGQFATVYKARDKNTN
QIVAIKKIKLGHRSEAKDGINRTALREIKLLQELSHPNIIGLLDAFGHKSNISLVFDFMETDLEVIIKDNSLVLTPSHIK
AYMLMTLQGLEYLHQHWILHRDLKPNNLLLDENGVLKLADFGLAKSFGSPNRAYTHQVVTRWYRAPELLFGARMYGVGVD
MWAVGCILAELLLRVPFLPGDSDLDQLTRIFETLGTPTEEQWPDMCSLPDYVTFKSFPGIPLHHIFSAAGDDLLDLIQGL
FLFNPCARITATQALKMKYFSNRPGPTPGCQLPRPNCPVETLKEQSNPALAIKRKRTEALEQGGLPKKLIF
;
J
4 'polypeptide(L)'
;SNAMENFQKVEKIGEGTYGVVYKARNKLTGEVVALKKIRLDTETEGVPSTAIREISLLKELNHPNIVKLLDVIHTENKLY
LVFEFLHQDLKKFMDASALTGIPLPLIKSYLFQLLQGLAFCHSHRVLHRDLKPQNLLINTEGAIKLADFGLARAFGVPVR
TYTHEVVTLWYRAPEILLGCKYYSTAVDIWSLGCIFAEMVTRRALFPGDSEIDQLFRIFRTLGTPDEVVWPGVTSMPDYK
PSFPKWARQDFSKVVPPLDEDGRSLLSQMLHYDPNKRISAKAALAHPFFQDVTKPVPHLRL
;
K
5 'polypeptide(L)'
;SNAMLGNSAPGPATREAGSALLALQQTALQEDQENINPEKAAPVQQPRTRAALAVLKSGNPRGLAQQQRPKTRRVAPLKD
LPVNDEHVTVPPWKANSKQPAFTIHVDEAEKEAQKKPAESQKIEREDALAFNSAISLPGPRKPLVPLDYPMDGSFESPHT
MDMSIVLEDEKPVSVNEVPDYHEDIHTYLREMEVKCKPKVGYMKKQPDITNSMRAILVDWLVEVGEEYKLQNETLHLAVN
YIDRFLSSMSVLRGKLQLVGTAAMLLASKFEEIYPPEVAEFVYITDDTYTKKQVLRMEHLVLKVLTFDLAAPTVNQFLTQ
YFLHQQPANCKVESLAMFLGELSLIDADPYLKYLPSVIAGAAFHLALYTVTGQSWPESLIRKTGYTLESLKPCLMDLHQT
YLKAPQHAQQSIREKYKNSKYHGVSLLNPPETLNL
;
L
#
loop_
_chem_comp.id
_chem_comp.type
_chem_comp.name
_chem_comp.formula
ACE non-polymer 'ACETYL GROUP' 'C2 H4 O'
#
# COMPACT_ATOMS: atom_id res chain seq x y z
N ALA A 263 31.73 21.52 18.79
CA ALA A 263 31.45 20.64 19.92
C ALA A 263 31.28 19.20 19.44
N LEU A 264 32.24 18.35 19.78
CA LEU A 264 32.20 16.96 19.34
C LEU A 264 31.13 16.18 20.10
N TYR A 265 30.69 15.09 19.48
CA TYR A 265 29.68 14.21 20.07
C TYR A 265 30.35 13.16 20.93
N GLU A 266 29.71 12.83 22.05
CA GLU A 266 30.16 11.77 22.94
C GLU A 266 28.99 10.85 23.23
N TYR A 267 29.19 9.55 23.03
CA TYR A 267 28.11 8.60 23.25
C TYR A 267 27.78 8.49 24.73
N GLN A 268 26.49 8.47 25.04
CA GLN A 268 26.00 8.27 26.39
C GLN A 268 24.91 7.20 26.34
N PRO A 269 25.04 6.11 27.08
CA PRO A 269 24.03 5.06 27.01
C PRO A 269 22.69 5.54 27.53
N LEU A 270 21.62 4.94 26.99
CA LEU A 270 20.28 5.20 27.50
C LEU A 270 20.19 4.75 28.94
N GLN A 271 19.62 5.60 29.79
CA GLN A 271 19.47 5.32 31.21
C GLN A 271 17.98 5.33 31.54
N ILE A 272 17.33 4.19 31.35
CA ILE A 272 15.91 4.04 31.61
C ILE A 272 15.75 3.18 32.85
N GLU A 273 15.05 3.71 33.85
CA GLU A 273 14.83 2.96 35.08
C GLU A 273 13.78 1.88 34.84
N THR A 274 14.12 0.64 35.21
CA THR A 274 13.25 -0.49 35.00
C THR A 274 12.55 -0.95 36.28
N TYR A 275 12.96 -0.45 37.44
CA TYR A 275 12.35 -0.79 38.72
C TYR A 275 12.34 -2.30 38.93
N GLY A 276 13.47 -2.93 38.69
CA GLY A 276 13.56 -4.37 38.80
C GLY A 276 14.98 -4.87 38.91
N PRO A 277 15.14 -6.19 39.04
CA PRO A 277 16.47 -6.77 39.06
C PRO A 277 17.22 -6.54 37.75
N HIS A 278 18.54 -6.50 37.86
CA HIS A 278 19.38 -6.29 36.68
C HIS A 278 19.28 -7.48 35.73
N VAL A 279 19.26 -7.19 34.43
CA VAL A 279 19.17 -8.21 33.39
C VAL A 279 20.55 -8.35 32.75
N PRO A 280 21.07 -9.56 32.62
CA PRO A 280 22.39 -9.73 32.00
C PRO A 280 22.39 -9.28 30.55
N GLU A 281 23.57 -8.85 30.08
CA GLU A 281 23.70 -8.36 28.72
C GLU A 281 23.48 -9.48 27.71
N LEU A 282 23.08 -9.09 26.50
CA LEU A 282 22.69 -10.07 25.49
C LEU A 282 23.84 -10.97 25.11
N GLU A 283 25.04 -10.41 24.97
CA GLU A 283 26.18 -11.18 24.50
C GLU A 283 26.61 -12.23 25.50
N MET A 284 26.21 -12.10 26.76
CA MET A 284 26.62 -13.02 27.80
C MET A 284 25.62 -14.15 28.05
N LEU A 285 24.46 -14.12 27.37
CA LEU A 285 23.38 -15.05 27.74
C LEU A 285 23.81 -16.50 27.57
N GLY A 286 24.50 -16.82 26.48
CA GLY A 286 25.01 -18.17 26.31
C GLY A 286 26.18 -18.49 27.21
N ARG A 287 26.89 -17.47 27.69
CA ARG A 287 28.02 -17.70 28.58
C ARG A 287 27.57 -18.18 29.96
N LEU A 288 26.56 -17.54 30.53
CA LEU A 288 26.04 -17.98 31.83
C LEU A 288 25.06 -19.14 31.71
N GLY A 289 24.74 -19.60 30.51
CA GLY A 289 23.97 -20.80 30.35
C GLY A 289 22.48 -20.64 30.21
N TYR A 290 21.99 -19.42 29.97
CA TYR A 290 20.56 -19.24 29.76
C TYR A 290 20.10 -19.96 28.51
N LEU A 291 20.91 -19.94 27.45
CA LEU A 291 20.54 -20.53 26.17
C LEU A 291 20.38 -22.04 26.25
N ASN A 292 20.83 -22.67 27.33
CA ASN A 292 20.58 -24.08 27.54
C ASN A 292 19.10 -24.40 27.76
N HIS A 293 18.27 -23.39 28.01
CA HIS A 293 16.87 -23.63 28.36
C HIS A 293 15.91 -22.86 27.46
N VAL A 294 16.31 -22.58 26.23
CA VAL A 294 15.42 -22.01 25.22
C VAL A 294 15.50 -22.86 23.97
N ARG A 295 14.45 -22.79 23.16
CA ARG A 295 14.40 -23.55 21.93
C ARG A 295 15.46 -23.06 20.95
N ALA A 296 16.16 -23.99 20.32
CA ALA A 296 17.21 -23.64 19.38
C ALA A 296 16.61 -23.01 18.13
N ALA A 297 17.34 -22.06 17.55
CA ALA A 297 16.89 -21.37 16.36
C ALA A 297 17.12 -22.25 15.12
N SER A 298 16.15 -22.26 14.23
CA SER A 298 16.28 -22.97 12.97
C SER A 298 17.32 -22.28 12.09
N PRO A 299 17.93 -23.01 11.16
CA PRO A 299 18.85 -22.34 10.22
C PRO A 299 18.17 -21.25 9.41
N GLN A 300 16.88 -21.41 9.11
CA GLN A 300 16.13 -20.35 8.44
C GLN A 300 16.09 -19.09 9.31
N ASP A 301 15.90 -19.25 10.61
CA ASP A 301 15.87 -18.10 11.51
C ASP A 301 17.23 -17.41 11.54
N LEU A 302 18.31 -18.17 11.62
CA LEU A 302 19.63 -17.56 11.61
C LEU A 302 19.92 -16.87 10.29
N ALA A 303 19.41 -17.41 9.19
CA ALA A 303 19.53 -16.73 7.90
C ALA A 303 18.81 -15.39 7.94
N GLY A 304 17.63 -15.35 8.55
CA GLY A 304 16.93 -14.09 8.69
C GLY A 304 17.51 -13.15 9.74
N GLY A 305 18.40 -13.63 10.59
CA GLY A 305 18.98 -12.83 11.64
C GLY A 305 18.32 -12.97 12.99
N TYR A 306 17.46 -13.95 13.18
CA TYR A 306 16.78 -14.18 14.45
C TYR A 306 17.53 -15.24 15.24
N THR A 307 17.95 -14.90 16.45
CA THR A 307 18.66 -15.83 17.31
C THR A 307 17.82 -16.14 18.54
N SER A 308 18.16 -17.25 19.20
CA SER A 308 17.49 -17.59 20.46
C SER A 308 17.85 -16.62 21.58
N SER A 309 18.99 -15.95 21.45
CA SER A 309 19.37 -14.94 22.44
C SER A 309 18.35 -13.82 22.50
N LEU A 310 17.77 -13.44 21.36
CA LEU A 310 16.77 -12.37 21.35
C LEU A 310 15.57 -12.75 22.19
N ALA A 311 15.04 -13.96 21.99
CA ALA A 311 13.89 -14.41 22.77
C ALA A 311 14.24 -14.53 24.24
N CYS A 312 15.42 -15.05 24.56
CA CYS A 312 15.81 -15.16 25.96
C CYS A 312 15.92 -13.79 26.63
N HIS A 313 16.55 -12.83 25.95
CA HIS A 313 16.69 -11.50 26.50
C HIS A 313 15.33 -10.82 26.69
N ARG A 314 14.44 -10.97 25.71
CA ARG A 314 13.11 -10.39 25.83
C ARG A 314 12.36 -10.99 27.01
N ALA A 315 12.41 -12.31 27.16
CA ALA A 315 11.71 -12.95 28.28
C ALA A 315 12.27 -12.50 29.62
N LEU A 316 13.59 -12.42 29.74
CA LEU A 316 14.17 -11.98 31.00
C LEU A 316 13.81 -10.53 31.30
N GLN A 317 13.86 -9.66 30.30
CA GLN A 317 13.53 -8.25 30.51
C GLN A 317 12.08 -8.09 30.93
N ASP A 318 11.18 -8.85 30.30
CA ASP A 318 9.77 -8.79 30.73
C ASP A 318 9.59 -9.36 32.12
N ALA A 319 10.37 -10.38 32.49
CA ALA A 319 10.25 -10.96 33.80
C ALA A 319 10.67 -9.99 34.89
N PHE A 320 11.73 -9.23 34.66
CA PHE A 320 12.28 -8.37 35.70
C PHE A 320 11.76 -6.94 35.66
N SER A 321 10.84 -6.62 34.76
CA SER A 321 10.41 -5.25 34.59
C SER A 321 9.33 -4.88 35.61
N GLY A 322 9.53 -3.77 36.30
CA GLY A 322 8.55 -3.28 37.26
C GLY A 322 8.28 -4.23 38.40
N LEU A 323 9.26 -5.01 38.82
CA LEU A 323 9.06 -5.95 39.91
C LEU A 323 9.07 -5.25 41.26
N PHE A 324 9.80 -4.15 41.39
CA PHE A 324 9.95 -3.43 42.64
C PHE A 324 9.09 -2.19 42.73
N TRP A 325 8.12 -2.03 41.83
CA TRP A 325 7.35 -0.80 41.75
C TRP A 325 6.06 -0.91 42.54
N GLN A 326 5.65 0.23 43.10
CA GLN A 326 4.40 0.33 43.84
C GLN A 326 3.66 1.58 43.39
N PRO A 327 2.38 1.47 43.00
CA PRO A 327 1.55 2.58 42.52
C PRO A 327 1.49 3.74 43.50
C ACE B 1 7.22 -2.30 25.66
O ACE B 1 6.89 -3.48 25.77
CH3 ACE B 1 6.94 -1.50 24.42
N MET B 2 7.85 -1.65 26.63
CA MET B 2 8.17 -2.29 27.90
C MET B 2 7.27 -1.75 28.98
N TYR B 3 7.09 -2.51 30.07
CA TYR B 3 6.11 -2.13 31.08
C TYR B 3 6.57 -0.90 31.87
N HIS B 4 7.87 -0.80 32.17
CA HIS B 4 8.32 0.20 33.12
C HIS B 4 8.11 1.63 32.65
N ASN B 5 7.80 1.85 31.39
CA ASN B 5 7.45 3.18 30.91
C ASN B 5 6.25 3.10 29.97
N SER B 6 5.27 2.30 30.33
CA SER B 6 4.09 2.08 29.50
C SER B 6 2.92 2.92 30.00
N SER B 7 1.90 3.03 29.15
CA SER B 7 0.69 3.74 29.55
C SER B 7 -0.09 2.96 30.59
N GLN B 8 0.00 1.63 30.57
CA GLN B 8 -0.70 0.82 31.57
C GLN B 8 -0.19 1.12 32.97
N LYS B 9 1.13 1.23 33.13
CA LYS B 9 1.68 1.59 34.43
C LYS B 9 1.32 3.03 34.80
N ARG B 10 1.39 3.95 33.85
CA ARG B 10 1.17 5.36 34.15
C ARG B 10 -0.28 5.63 34.55
N HIS B 11 -1.24 5.02 33.86
CA HIS B 11 -2.63 5.43 34.01
C HIS B 11 -3.58 4.33 34.42
N TRP B 12 -3.17 3.06 34.38
CA TRP B 12 -4.13 1.98 34.61
C TRP B 12 -3.65 1.02 35.70
N THR B 13 -2.85 1.52 36.63
CA THR B 13 -2.45 0.76 37.82
C THR B 13 -2.76 1.64 39.02
N PHE B 14 -3.72 1.22 39.83
CA PHE B 14 -4.30 2.05 40.88
C PHE B 14 -3.80 1.61 42.25
N SER B 15 -3.79 2.57 43.18
CA SER B 15 -3.15 2.36 44.47
C SER B 15 -3.84 1.26 45.28
N SER B 16 -5.17 1.24 45.30
CA SER B 16 -5.88 0.30 46.16
C SER B 16 -7.23 -0.03 45.54
N GLU B 17 -7.91 -1.00 46.16
CA GLU B 17 -9.26 -1.36 45.74
C GLU B 17 -10.26 -0.25 46.02
N GLU B 18 -9.95 0.64 46.97
CA GLU B 18 -10.85 1.74 47.26
C GLU B 18 -10.98 2.69 46.08
N GLN B 19 -9.87 2.93 45.36
CA GLN B 19 -9.94 3.73 44.15
C GLN B 19 -10.86 3.10 43.12
N LEU B 20 -10.74 1.77 42.94
CA LEU B 20 -11.58 1.08 41.97
C LEU B 20 -13.04 1.16 42.36
N ALA B 21 -13.34 0.98 43.65
CA ALA B 21 -14.72 1.10 44.11
C ALA B 21 -15.25 2.51 43.90
N ARG B 22 -14.42 3.52 44.17
CA ARG B 22 -14.85 4.90 43.97
C ARG B 22 -15.15 5.18 42.50
N LEU B 23 -14.30 4.69 41.60
CA LEU B 23 -14.53 4.92 40.17
C LEU B 23 -15.81 4.22 39.71
N ARG B 24 -16.03 2.98 40.15
CA ARG B 24 -17.22 2.27 39.70
C ARG B 24 -18.49 2.89 40.27
N ALA B 25 -18.44 3.33 41.53
CA ALA B 25 -19.57 4.03 42.13
C ALA B 25 -19.85 5.34 41.41
N ASP B 26 -18.80 6.05 41.01
CA ASP B 26 -18.98 7.29 40.27
C ASP B 26 -19.66 7.03 38.93
N ALA B 27 -19.25 5.98 38.23
CA ALA B 27 -19.90 5.66 36.96
C ALA B 27 -21.37 5.32 37.17
N ASN B 28 -21.68 4.53 38.19
CA ASN B 28 -23.06 4.17 38.45
C ASN B 28 -23.91 5.38 38.79
N ARG B 29 -23.40 6.24 39.68
CA ARG B 29 -24.14 7.43 40.09
C ARG B 29 -24.32 8.39 38.92
N LYS B 30 -23.30 8.52 38.08
CA LYS B 30 -23.40 9.38 36.91
C LYS B 30 -24.49 8.90 35.96
N PHE B 31 -24.55 7.59 35.71
CA PHE B 31 -25.62 7.10 34.84
C PHE B 31 -26.99 7.30 35.49
N ARG B 32 -27.09 7.11 36.81
CA ARG B 32 -28.37 7.35 37.46
C ARG B 32 -28.81 8.80 37.32
N CYS B 33 -27.88 9.73 37.50
CA CYS B 33 -28.20 11.14 37.34
C CYS B 33 -28.63 11.46 35.92
N LYS B 34 -27.92 10.91 34.93
CA LYS B 34 -28.31 11.15 33.53
C LYS B 34 -29.70 10.60 33.25
N ALA B 35 -29.99 9.39 33.74
CA ALA B 35 -31.29 8.78 33.47
C ALA B 35 -32.42 9.55 34.16
N VAL B 36 -32.17 10.07 35.36
CA VAL B 36 -33.22 10.81 36.05
C VAL B 36 -33.37 12.20 35.44
N ALA B 37 -32.32 12.73 34.83
CA ALA B 37 -32.44 14.01 34.14
C ALA B 37 -33.16 13.86 32.81
N ASN B 38 -33.03 12.70 32.16
CA ASN B 38 -33.81 12.46 30.94
C ASN B 38 -35.31 12.40 31.25
N GLY B 39 -35.68 11.72 32.33
CA GLY B 39 -37.08 11.60 32.70
C GLY B 39 -37.69 10.29 32.26
N ASP B 45 -36.94 4.08 39.61
CA ASP B 45 -36.11 4.15 40.81
C ASP B 45 -35.68 2.76 41.33
N PRO B 46 -36.59 1.78 41.39
CA PRO B 46 -36.17 0.43 41.78
C PRO B 46 -35.61 -0.41 40.63
N VAL B 47 -35.29 0.21 39.50
CA VAL B 47 -34.71 -0.52 38.37
C VAL B 47 -33.20 -0.33 38.26
N PHE B 48 -32.66 0.72 38.86
CA PHE B 48 -31.22 0.97 38.78
C PHE B 48 -30.45 -0.07 39.58
N LEU B 49 -29.29 -0.43 39.06
CA LEU B 49 -28.46 -1.48 39.65
C LEU B 49 -27.40 -0.86 40.55
N GLU B 50 -27.28 -1.38 41.76
CA GLU B 50 -26.26 -0.95 42.69
C GLU B 50 -24.88 -1.36 42.16
N PRO B 51 -23.82 -0.69 42.62
CA PRO B 51 -22.48 -1.02 42.10
C PRO B 51 -22.08 -2.47 42.28
N HIS B 52 -22.49 -3.12 43.38
CA HIS B 52 -22.11 -4.52 43.59
C HIS B 52 -22.81 -5.42 42.58
N GLU B 53 -24.06 -5.12 42.25
CA GLU B 53 -24.75 -5.90 41.22
C GLU B 53 -24.08 -5.74 39.86
N GLU B 54 -23.63 -4.53 39.55
CA GLU B 54 -22.89 -4.31 38.32
C GLU B 54 -21.59 -5.10 38.32
N MET B 55 -20.92 -5.15 39.48
CA MET B 55 -19.69 -5.92 39.57
C MET B 55 -19.94 -7.41 39.34
N THR B 56 -21.03 -7.92 39.89
CA THR B 56 -21.38 -9.34 39.68
C THR B 56 -21.67 -9.60 38.21
N LEU B 57 -22.42 -8.71 37.55
CA LEU B 57 -22.70 -8.89 36.14
C LEU B 57 -21.43 -8.83 35.30
N CYS B 58 -20.51 -7.94 35.66
CA CYS B 58 -19.24 -7.85 34.94
C CYS B 58 -18.42 -9.12 35.12
N LYS B 59 -18.43 -9.70 36.32
CA LYS B 59 -17.73 -10.97 36.54
C LYS B 59 -18.33 -12.07 35.65
N TYR B 60 -19.66 -12.15 35.61
CA TYR B 60 -20.30 -13.18 34.80
C TYR B 60 -19.95 -13.00 33.33
N TYR B 61 -19.97 -11.76 32.84
CA TYR B 61 -19.69 -11.57 31.43
C TYR B 61 -18.21 -11.72 31.10
N GLU B 62 -17.33 -11.49 32.05
CA GLU B 62 -15.93 -11.83 31.83
C GLU B 62 -15.75 -13.33 31.69
N LYS B 63 -16.44 -14.12 32.51
CA LYS B 63 -16.40 -15.56 32.34
C LYS B 63 -16.97 -15.98 30.99
N ARG B 64 -18.05 -15.31 30.55
CA ARG B 64 -18.61 -15.61 29.24
C ARG B 64 -17.62 -15.30 28.13
N LEU B 65 -16.90 -14.18 28.25
CA LEU B 65 -15.89 -13.83 27.25
C LEU B 65 -14.76 -14.85 27.23
N LEU B 66 -14.36 -15.33 28.40
CA LEU B 66 -13.33 -16.36 28.47
C LEU B 66 -13.79 -17.62 27.74
N GLU B 67 -15.03 -18.06 28.00
CA GLU B 67 -15.51 -19.27 27.35
C GLU B 67 -15.72 -19.06 25.85
N PHE B 68 -16.02 -17.82 25.43
CA PHE B 68 -16.11 -17.53 24.01
C PHE B 68 -14.74 -17.61 23.34
N CYS B 69 -13.72 -17.07 24.00
CA CYS B 69 -12.38 -17.06 23.41
C CYS B 69 -11.76 -18.44 23.42
N SER B 70 -12.12 -19.29 24.38
CA SER B 70 -11.55 -20.63 24.45
C SER B 70 -11.97 -21.51 23.27
N VAL B 71 -13.16 -21.26 22.72
CA VAL B 71 -13.69 -22.07 21.61
C VAL B 71 -13.51 -21.39 20.27
N PHE B 72 -12.83 -20.25 20.22
CA PHE B 72 -12.66 -19.51 18.98
C PHE B 72 -11.88 -20.31 17.96
N LYS B 73 -12.27 -20.19 16.69
CA LYS B 73 -11.58 -20.86 15.59
C LYS B 73 -11.19 -19.84 14.53
N PRO B 74 -9.91 -19.70 14.17
CA PRO B 74 -8.74 -20.48 14.62
C PRO B 74 -8.42 -20.20 16.08
N ALA B 75 -7.56 -21.00 16.70
CA ALA B 75 -7.34 -20.88 18.14
C ALA B 75 -6.71 -19.55 18.49
N MET B 76 -7.34 -18.83 19.42
CA MET B 76 -6.80 -17.57 19.87
C MET B 76 -5.56 -17.79 20.73
N PRO B 77 -4.50 -17.02 20.52
CA PRO B 77 -3.37 -17.06 21.46
C PRO B 77 -3.77 -16.51 22.82
N ARG B 78 -2.95 -16.84 23.82
CA ARG B 78 -3.25 -16.39 25.17
C ARG B 78 -3.18 -14.87 25.29
N SER B 79 -2.26 -14.23 24.56
CA SER B 79 -2.11 -12.79 24.64
C SER B 79 -3.39 -12.08 24.24
N VAL B 80 -4.06 -12.56 23.19
CA VAL B 80 -5.29 -11.92 22.73
C VAL B 80 -6.37 -12.02 23.79
N VAL B 81 -6.49 -13.17 24.45
CA VAL B 81 -7.50 -13.34 25.49
C VAL B 81 -7.20 -12.42 26.67
N GLY B 82 -5.93 -12.35 27.08
CA GLY B 82 -5.58 -11.45 28.17
C GLY B 82 -5.85 -10.00 27.83
N THR B 83 -5.54 -9.60 26.60
CA THR B 83 -5.80 -8.23 26.18
C THR B 83 -7.29 -7.92 26.19
N ALA B 84 -8.11 -8.86 25.70
CA ALA B 84 -9.56 -8.64 25.69
C ALA B 84 -10.10 -8.52 27.11
N CYS B 85 -9.64 -9.37 28.02
CA CYS B 85 -10.13 -9.29 29.40
C CYS B 85 -9.71 -7.98 30.06
N MET B 86 -8.48 -7.52 29.78
CA MET B 86 -8.04 -6.25 30.34
C MET B 86 -8.85 -5.08 29.77
N TYR B 87 -9.17 -5.13 28.48
CA TYR B 87 -10.02 -4.10 27.89
C TYR B 87 -11.38 -4.08 28.56
N PHE B 88 -11.94 -5.27 28.81
CA PHE B 88 -13.23 -5.36 29.49
C PHE B 88 -13.18 -4.71 30.86
N LYS B 89 -12.17 -5.07 31.66
CA LYS B 89 -12.05 -4.52 33.01
C LYS B 89 -11.88 -3.00 32.97
N ARG B 90 -11.01 -2.52 32.09
CA ARG B 90 -10.78 -1.08 32.00
C ARG B 90 -12.04 -0.34 31.58
N PHE B 91 -12.73 -0.86 30.56
CA PHE B 91 -13.92 -0.18 30.07
C PHE B 91 -14.97 -0.07 31.16
N TYR B 92 -15.21 -1.15 31.90
CA TYR B 92 -16.24 -1.08 32.92
C TYR B 92 -15.75 -0.51 34.23
N LEU B 93 -14.48 -0.14 34.31
CA LEU B 93 -14.02 0.65 35.45
C LEU B 93 -14.68 2.03 35.46
N ASN B 94 -14.86 2.64 34.28
CA ASN B 94 -15.38 4.00 34.19
C ASN B 94 -16.79 4.10 33.63
N ASN B 95 -17.36 3.01 33.12
CA ASN B 95 -18.69 3.03 32.54
C ASN B 95 -19.61 2.10 33.31
N SER B 96 -20.90 2.15 32.98
CA SER B 96 -21.92 1.37 33.65
C SER B 96 -22.53 0.37 32.69
N VAL B 97 -22.86 -0.82 33.20
CA VAL B 97 -23.45 -1.86 32.36
C VAL B 97 -24.83 -1.45 31.87
N MET B 98 -25.56 -0.65 32.64
CA MET B 98 -26.89 -0.23 32.25
C MET B 98 -26.88 0.83 31.16
N GLU B 99 -25.72 1.32 30.76
CA GLU B 99 -25.62 2.20 29.59
C GLU B 99 -25.19 1.45 28.34
N TYR B 100 -24.33 0.45 28.47
CA TYR B 100 -23.90 -0.38 27.35
C TYR B 100 -23.97 -1.84 27.76
N HIS B 101 -24.61 -2.65 26.94
CA HIS B 101 -24.77 -4.05 27.27
C HIS B 101 -23.42 -4.75 27.26
N PRO B 102 -23.06 -5.48 28.32
CA PRO B 102 -21.75 -6.12 28.37
C PRO B 102 -21.52 -7.18 27.30
N ARG B 103 -22.57 -7.74 26.69
CA ARG B 103 -22.35 -8.73 25.64
C ARG B 103 -21.72 -8.11 24.41
N ILE B 104 -22.30 -7.00 23.93
CA ILE B 104 -21.72 -6.28 22.81
C ILE B 104 -20.34 -5.77 23.19
N ILE B 105 -20.18 -5.33 24.43
CA ILE B 105 -18.90 -4.78 24.87
C ILE B 105 -17.81 -5.84 24.85
N MET B 106 -18.12 -7.06 25.32
CA MET B 106 -17.08 -8.10 25.31
C MET B 106 -16.79 -8.59 23.91
N LEU B 107 -17.80 -8.66 23.04
CA LEU B 107 -17.53 -8.98 21.64
C LEU B 107 -16.62 -7.92 21.02
N THR B 108 -16.87 -6.65 21.32
CA THR B 108 -16.02 -5.58 20.80
C THR B 108 -14.62 -5.64 21.39
N CYS B 109 -14.51 -6.00 22.67
CA CYS B 109 -13.21 -6.14 23.29
C CYS B 109 -12.40 -7.22 22.61
N ALA B 110 -13.03 -8.36 22.30
CA ALA B 110 -12.34 -9.42 21.59
C ALA B 110 -11.95 -8.99 20.18
N PHE B 111 -12.84 -8.28 19.49
CA PHE B 111 -12.55 -7.77 18.15
C PHE B 111 -11.33 -6.85 18.18
N LEU B 112 -11.33 -5.89 19.11
CA LEU B 112 -10.24 -4.94 19.23
C LEU B 112 -8.94 -5.64 19.62
N ALA B 113 -9.02 -6.60 20.53
CA ALA B 113 -7.82 -7.34 20.93
C ALA B 113 -7.23 -8.10 19.75
N CYS B 114 -8.08 -8.74 18.95
CA CYS B 114 -7.58 -9.45 17.78
C CYS B 114 -6.89 -8.49 16.82
N LYS B 115 -7.51 -7.32 16.58
CA LYS B 115 -6.89 -6.36 15.67
C LYS B 115 -5.56 -5.84 16.23
N VAL B 116 -5.52 -5.54 17.53
CA VAL B 116 -4.34 -4.94 18.14
C VAL B 116 -3.18 -5.94 18.21
N ASP B 117 -3.47 -7.15 18.63
CA ASP B 117 -2.43 -8.16 18.83
C ASP B 117 -1.99 -8.83 17.54
N GLU B 118 -2.35 -8.28 16.39
CA GLU B 118 -1.93 -8.79 15.09
C GLU B 118 -2.35 -10.24 14.87
N PHE B 119 -3.51 -10.61 15.42
CA PHE B 119 -4.11 -11.92 15.15
C PHE B 119 -5.09 -11.72 14.01
N ASN B 120 -4.59 -11.85 12.78
CA ASN B 120 -5.36 -11.47 11.60
C ASN B 120 -6.50 -12.46 11.37
N VAL B 121 -7.72 -12.00 11.59
CA VAL B 121 -8.94 -12.69 11.17
C VAL B 121 -9.86 -11.66 10.54
N SER B 122 -10.50 -12.04 9.45
CA SER B 122 -11.45 -11.12 8.81
C SER B 122 -12.74 -11.07 9.63
N SER B 123 -13.56 -10.07 9.32
CA SER B 123 -14.85 -9.93 10.00
C SER B 123 -15.75 -11.15 9.82
N PRO B 124 -15.90 -11.72 8.62
CA PRO B 124 -16.73 -12.94 8.52
C PRO B 124 -16.25 -14.08 9.39
N GLN B 125 -14.93 -14.30 9.50
CA GLN B 125 -14.43 -15.34 10.40
C GLN B 125 -14.78 -15.02 11.84
N PHE B 126 -14.68 -13.74 12.23
CA PHE B 126 -15.00 -13.37 13.59
C PHE B 126 -16.46 -13.63 13.91
N VAL B 127 -17.36 -13.24 13.02
CA VAL B 127 -18.78 -13.44 13.31
C VAL B 127 -19.21 -14.89 13.12
N GLY B 128 -18.43 -15.69 12.39
CA GLY B 128 -18.76 -17.10 12.26
C GLY B 128 -18.58 -17.88 13.54
N ASN B 129 -17.83 -17.35 14.50
CA ASN B 129 -17.62 -18.03 15.78
C ASN B 129 -18.75 -17.78 16.76
N LEU B 130 -19.76 -17.03 16.38
CA LEU B 130 -20.90 -16.78 17.25
C LEU B 130 -21.84 -17.99 17.28
N SER B 133 -28.26 -18.29 13.94
CA SER B 133 -28.90 -17.55 12.85
C SER B 133 -27.95 -16.53 12.25
N PRO B 134 -27.77 -16.57 10.93
CA PRO B 134 -26.89 -15.58 10.29
C PRO B 134 -27.35 -14.15 10.50
N LEU B 135 -28.65 -13.89 10.54
CA LEU B 135 -29.14 -12.53 10.70
C LEU B 135 -28.65 -11.93 12.01
N GLY B 136 -28.70 -12.71 13.09
CA GLY B 136 -28.10 -12.27 14.34
C GLY B 136 -26.62 -12.02 14.20
N GLN B 137 -25.94 -12.77 13.32
CA GLN B 137 -24.51 -12.55 13.10
C GLN B 137 -24.25 -11.20 12.46
N GLU B 138 -25.01 -10.84 11.42
CA GLU B 138 -24.81 -9.52 10.82
C GLU B 138 -25.20 -8.41 11.77
N LYS B 139 -26.25 -8.61 12.58
CA LYS B 139 -26.58 -7.61 13.58
C LYS B 139 -25.45 -7.45 14.60
N ALA B 140 -24.85 -8.56 15.02
CA ALA B 140 -23.74 -8.49 15.95
C ALA B 140 -22.55 -7.77 15.33
N LEU B 141 -22.26 -8.04 14.06
CA LEU B 141 -21.17 -7.34 13.40
C LEU B 141 -21.44 -5.84 13.32
N GLU B 142 -22.68 -5.46 13.03
CA GLU B 142 -23.03 -4.05 12.98
C GLU B 142 -22.83 -3.39 14.34
N GLN B 143 -23.26 -4.06 15.41
CA GLN B 143 -23.11 -3.48 16.74
C GLN B 143 -21.63 -3.38 17.13
N ILE B 144 -20.84 -4.39 16.77
CA ILE B 144 -19.40 -4.36 17.08
C ILE B 144 -18.73 -3.20 16.36
N LEU B 145 -19.06 -3.02 15.07
CA LEU B 145 -18.49 -1.90 14.33
C LEU B 145 -18.92 -0.58 14.91
N GLU B 146 -20.15 -0.50 15.42
CA GLU B 146 -20.63 0.73 16.04
C GLU B 146 -19.87 1.04 17.33
N TYR B 147 -19.62 0.01 18.15
CA TYR B 147 -19.06 0.22 19.48
C TYR B 147 -17.54 0.21 19.53
N GLU B 148 -16.87 -0.11 18.43
CA GLU B 148 -15.42 -0.18 18.46
C GLU B 148 -14.80 1.15 18.85
N LEU B 149 -15.19 2.24 18.20
CA LEU B 149 -14.57 3.52 18.49
C LEU B 149 -14.93 4.02 19.87
N LEU B 150 -16.16 3.75 20.33
CA LEU B 150 -16.51 4.11 21.70
C LEU B 150 -15.62 3.40 22.69
N LEU B 151 -15.37 2.11 22.46
CA LEU B 151 -14.47 1.36 23.34
C LEU B 151 -13.07 1.93 23.31
N ILE B 152 -12.58 2.29 22.12
CA ILE B 152 -11.24 2.86 22.02
C ILE B 152 -11.16 4.18 22.77
N GLN B 153 -12.21 5.01 22.65
CA GLN B 153 -12.24 6.30 23.32
C GLN B 153 -12.27 6.14 24.83
N GLN B 154 -13.08 5.20 25.34
CA GLN B 154 -13.16 4.99 26.77
C GLN B 154 -11.91 4.34 27.35
N LEU B 155 -11.01 3.86 26.50
CA LEU B 155 -9.72 3.35 26.94
C LEU B 155 -8.64 4.42 26.91
N ASN B 156 -8.99 5.66 26.59
CA ASN B 156 -8.04 6.76 26.44
C ASN B 156 -7.00 6.49 25.38
N PHE B 157 -7.32 5.64 24.42
CA PHE B 157 -6.41 5.26 23.34
C PHE B 157 -5.14 4.60 23.87
N HIS B 158 -5.26 3.91 25.00
CA HIS B 158 -4.18 3.11 25.57
C HIS B 158 -4.48 1.65 25.24
N LEU B 159 -3.89 1.15 24.17
CA LEU B 159 -4.27 -0.14 23.61
C LEU B 159 -3.32 -1.28 23.94
N ILE B 160 -2.05 -1.00 24.16
CA ILE B 160 -1.07 -2.06 24.43
C ILE B 160 -1.25 -2.52 25.88
N VAL B 161 -1.47 -3.82 26.06
CA VAL B 161 -1.71 -4.43 27.36
C VAL B 161 -0.57 -5.40 27.65
N HIS B 162 0.00 -5.30 28.84
CA HIS B 162 1.10 -6.17 29.25
C HIS B 162 0.57 -7.28 30.13
N ASN B 163 0.77 -8.52 29.71
CA ASN B 163 0.26 -9.73 30.32
C ASN B 163 1.35 -10.44 31.13
N PRO B 164 0.97 -11.33 32.04
CA PRO B 164 1.98 -12.02 32.86
C PRO B 164 2.61 -13.24 32.23
N TYR B 165 2.23 -13.64 31.03
CA TYR B 165 2.71 -14.90 30.47
C TYR B 165 4.18 -14.84 30.09
N ARG B 166 4.58 -13.78 29.39
CA ARG B 166 6.00 -13.62 29.08
C ARG B 166 6.86 -13.43 30.33
N PRO B 167 6.46 -12.63 31.33
CA PRO B 167 7.23 -12.62 32.58
C PRO B 167 7.29 -13.99 33.24
N PHE B 168 6.23 -14.78 33.14
CA PHE B 168 6.25 -16.12 33.71
C PHE B 168 7.29 -16.99 33.02
N GLU B 169 7.35 -16.93 31.69
CA GLU B 169 8.35 -17.69 30.95
C GLU B 169 9.76 -17.22 31.30
N GLY B 170 9.95 -15.91 31.43
CA GLY B 170 11.26 -15.40 31.81
C GLY B 170 11.68 -15.85 33.20
N PHE B 171 10.74 -15.88 34.14
CA PHE B 171 11.03 -16.37 35.47
C PHE B 171 11.41 -17.85 35.43
N LEU B 172 10.72 -18.62 34.60
CA LEU B 172 11.06 -20.04 34.48
C LEU B 172 12.47 -20.23 33.93
N ILE B 173 12.83 -19.45 32.92
CA ILE B 173 14.20 -19.53 32.37
C ILE B 173 15.21 -19.18 33.45
N ASP B 174 14.95 -18.10 34.20
CA ASP B 174 15.87 -17.70 35.25
C ASP B 174 15.99 -18.76 36.33
N LEU B 175 14.89 -19.40 36.68
CA LEU B 175 14.93 -20.46 37.69
C LEU B 175 15.73 -21.66 37.19
N LYS B 176 15.53 -22.05 35.93
CA LYS B 176 16.31 -23.16 35.39
C LYS B 176 17.80 -22.82 35.32
N THR B 177 18.13 -21.55 35.13
CA THR B 177 19.54 -21.19 34.95
C THR B 177 20.25 -20.99 36.28
N ARG B 178 19.71 -20.16 37.16
CA ARG B 178 20.43 -19.68 38.34
C ARG B 178 19.92 -20.26 39.65
N TYR B 179 18.97 -21.20 39.61
CA TYR B 179 18.43 -21.80 40.83
C TYR B 179 18.52 -23.32 40.72
N PRO B 180 19.72 -23.88 40.95
CA PRO B 180 19.86 -25.34 40.92
C PRO B 180 19.29 -26.04 42.14
N ILE B 181 18.91 -25.29 43.18
CA ILE B 181 18.28 -25.90 44.35
C ILE B 181 16.98 -26.58 43.94
N LEU B 182 16.18 -25.91 43.12
CA LEU B 182 15.00 -26.53 42.53
C LEU B 182 15.45 -27.48 41.44
N GLU B 183 15.07 -28.75 41.54
CA GLU B 183 15.56 -29.75 40.60
C GLU B 183 15.01 -29.48 39.21
N ASN B 184 13.69 -29.57 39.05
CA ASN B 184 13.05 -29.38 37.75
C ASN B 184 11.96 -28.33 37.92
N PRO B 185 12.21 -27.08 37.51
CA PRO B 185 11.18 -26.04 37.64
C PRO B 185 9.94 -26.31 36.81
N GLU B 186 10.02 -27.19 35.80
CA GLU B 186 8.88 -27.40 34.92
C GLU B 186 7.68 -27.96 35.66
N ILE B 187 7.90 -28.76 36.70
CA ILE B 187 6.78 -29.30 37.46
C ILE B 187 6.00 -28.20 38.16
N LEU B 188 6.64 -27.06 38.41
CA LEU B 188 5.93 -25.93 38.99
C LEU B 188 4.97 -25.28 37.99
N ARG B 189 5.07 -25.61 36.71
CA ARG B 189 4.36 -24.86 35.68
C ARG B 189 2.86 -25.00 35.81
N LYS B 190 2.34 -26.23 35.67
CA LYS B 190 0.91 -26.43 35.54
C LYS B 190 0.14 -25.80 36.70
N THR B 191 0.54 -26.13 37.93
CA THR B 191 -0.13 -25.55 39.10
C THR B 191 -0.09 -24.03 39.05
N ALA B 192 1.09 -23.47 38.77
CA ALA B 192 1.20 -22.02 38.69
C ALA B 192 0.24 -21.46 37.65
N ASP B 193 0.12 -22.14 36.51
CA ASP B 193 -0.81 -21.68 35.49
C ASP B 193 -2.22 -21.58 36.06
N ASP B 194 -2.65 -22.59 36.80
CA ASP B 194 -3.96 -22.55 37.42
C ASP B 194 -4.10 -21.30 38.28
N PHE B 195 -3.10 -21.03 39.11
CA PHE B 195 -3.15 -19.84 39.95
C PHE B 195 -3.28 -18.58 39.10
N LEU B 196 -2.54 -18.53 37.98
CA LEU B 196 -2.65 -17.38 37.09
C LEU B 196 -4.09 -17.16 36.68
N ASN B 197 -4.78 -18.24 36.31
CA ASN B 197 -6.17 -18.11 35.91
C ASN B 197 -7.01 -17.51 37.02
N ARG B 198 -6.78 -17.97 38.26
CA ARG B 198 -7.50 -17.41 39.39
C ARG B 198 -7.20 -15.92 39.52
N ILE B 199 -5.94 -15.53 39.33
CA ILE B 199 -5.57 -14.12 39.34
C ILE B 199 -6.38 -13.36 38.31
N ALA B 200 -6.56 -13.95 37.12
CA ALA B 200 -7.28 -13.25 36.07
C ALA B 200 -8.73 -12.97 36.45
N LEU B 201 -9.29 -13.74 37.38
CA LEU B 201 -10.68 -13.51 37.77
C LEU B 201 -10.82 -12.31 38.70
N THR B 202 -9.82 -12.04 39.52
CA THR B 202 -9.89 -10.99 40.52
C THR B 202 -9.56 -9.65 39.89
N ASP B 203 -9.34 -8.64 40.73
CA ASP B 203 -9.03 -7.29 40.28
C ASP B 203 -7.54 -7.01 40.25
N ALA B 204 -6.70 -8.04 40.37
CA ALA B 204 -5.27 -7.85 40.51
C ALA B 204 -4.61 -7.29 39.26
N TYR B 205 -5.27 -7.39 38.11
CA TYR B 205 -4.66 -6.86 36.89
C TYR B 205 -4.61 -5.34 36.92
N LEU B 206 -5.47 -4.70 37.69
CA LEU B 206 -5.50 -3.25 37.79
C LEU B 206 -4.75 -2.73 39.00
N LEU B 207 -4.06 -3.59 39.74
CA LEU B 207 -3.40 -3.19 40.98
C LEU B 207 -1.93 -3.55 41.05
N TYR B 208 -1.45 -4.51 40.27
CA TYR B 208 -0.07 -4.98 40.36
C TYR B 208 0.54 -5.08 38.98
N THR B 209 1.84 -5.08 38.95
CA THR B 209 2.58 -5.23 37.70
C THR B 209 2.54 -6.69 37.24
N PRO B 210 2.65 -6.93 35.93
CA PRO B 210 2.65 -8.32 35.46
C PRO B 210 3.74 -9.19 36.04
N SER B 211 4.93 -8.64 36.25
CA SER B 211 6.02 -9.41 36.83
C SER B 211 5.68 -9.85 38.25
N GLN B 212 5.07 -8.95 39.03
CA GLN B 212 4.64 -9.31 40.38
C GLN B 212 3.63 -10.45 40.35
N ILE B 213 2.69 -10.39 39.41
CA ILE B 213 1.66 -11.43 39.31
C ILE B 213 2.30 -12.76 38.96
N ALA B 214 3.22 -12.76 38.00
CA ALA B 214 3.87 -14.00 37.59
C ALA B 214 4.70 -14.59 38.73
N LEU B 215 5.45 -13.75 39.44
CA LEU B 215 6.25 -14.24 40.55
C LEU B 215 5.36 -14.78 41.67
N THR B 216 4.24 -14.11 41.93
CA THR B 216 3.30 -14.59 42.94
C THR B 216 2.78 -15.96 42.57
N ALA B 217 2.38 -16.14 41.31
CA ALA B 217 1.89 -17.45 40.88
C ALA B 217 2.95 -18.52 41.03
N ILE B 218 4.18 -18.21 40.63
CA ILE B 218 5.25 -19.21 40.69
C ILE B 218 5.52 -19.60 42.13
N LEU B 219 5.66 -18.62 43.02
CA LEU B 219 6.01 -18.94 44.39
C LEU B 219 4.85 -19.57 45.15
N SER B 220 3.61 -19.23 44.80
CA SER B 220 2.48 -19.93 45.38
C SER B 220 2.46 -21.39 44.96
N SER B 221 2.71 -21.67 43.68
CA SER B 221 2.79 -23.05 43.23
C SER B 221 3.92 -23.79 43.92
N ALA B 222 5.05 -23.12 44.12
CA ALA B 222 6.17 -23.76 44.81
C ALA B 222 5.83 -24.06 46.26
N SER B 223 5.18 -23.12 46.95
CA SER B 223 4.79 -23.35 48.33
C SER B 223 3.75 -24.46 48.46
N ARG B 224 2.85 -24.57 47.48
CA ARG B 224 1.90 -25.68 47.50
C ARG B 224 2.62 -27.03 47.40
N ALA B 225 3.73 -27.07 46.68
CA ALA B 225 4.50 -28.31 46.54
C ALA B 225 5.43 -28.58 47.71
N GLY B 226 5.49 -27.68 48.69
CA GLY B 226 6.36 -27.86 49.82
C GLY B 226 7.77 -27.35 49.66
N ILE B 227 8.05 -26.57 48.61
CA ILE B 227 9.37 -26.03 48.36
C ILE B 227 9.37 -24.55 48.72
N THR B 228 10.43 -24.13 49.40
CA THR B 228 10.60 -22.73 49.78
C THR B 228 11.71 -22.12 48.95
N MET B 229 11.42 -21.01 48.28
CA MET B 229 12.43 -20.31 47.50
C MET B 229 12.64 -18.90 48.02
N GLU B 230 12.73 -18.76 49.34
CA GLU B 230 13.10 -17.47 49.92
C GLU B 230 14.49 -17.07 49.49
N SER B 231 15.39 -18.04 49.33
CA SER B 231 16.74 -17.72 48.86
C SER B 231 16.73 -17.17 47.43
N TYR B 232 15.79 -17.63 46.61
CA TYR B 232 15.72 -17.13 45.24
C TYR B 232 15.46 -15.63 45.22
N LEU B 233 14.53 -15.16 46.06
CA LEU B 233 14.32 -13.73 46.18
C LEU B 233 15.52 -13.05 46.84
N SER B 234 16.00 -13.61 47.95
CA SER B 234 17.04 -12.94 48.71
C SER B 234 18.38 -12.96 48.00
N GLU B 235 18.74 -14.09 47.40
CA GLU B 235 20.06 -14.25 46.79
C GLU B 235 20.04 -14.02 45.29
N SER B 236 19.24 -14.79 44.55
CA SER B 236 19.26 -14.71 43.09
C SER B 236 18.81 -13.34 42.60
N LEU B 237 17.78 -12.77 43.22
CA LEU B 237 17.30 -11.45 42.86
C LEU B 237 18.03 -10.34 43.61
N MET B 238 19.06 -10.69 44.38
CA MET B 238 19.95 -9.72 45.02
C MET B 238 19.20 -8.85 46.03
N LEU B 239 18.13 -9.37 46.61
CA LEU B 239 17.31 -8.57 47.52
C LEU B 239 17.82 -8.54 48.95
N LYS B 240 18.86 -9.31 49.28
CA LYS B 240 19.43 -9.24 50.61
C LYS B 240 20.18 -7.93 50.84
N GLU B 241 20.55 -7.23 49.78
CA GLU B 241 21.15 -5.91 49.93
C GLU B 241 20.13 -4.89 50.39
N ASN B 242 18.91 -4.96 49.87
CA ASN B 242 17.84 -4.03 50.19
C ASN B 242 16.71 -4.83 50.84
N ARG B 243 16.73 -4.89 52.18
CA ARG B 243 15.73 -5.66 52.91
C ARG B 243 14.34 -5.03 52.80
N THR B 244 14.28 -3.70 52.70
CA THR B 244 12.99 -3.03 52.60
C THR B 244 12.26 -3.44 51.32
N CYS B 245 12.99 -3.53 50.21
CA CYS B 245 12.38 -3.96 48.95
C CYS B 245 11.85 -5.37 49.06
N LEU B 246 12.60 -6.26 49.71
CA LEU B 246 12.12 -7.62 49.93
C LEU B 246 10.85 -7.61 50.76
N SER B 247 10.79 -6.75 51.77
CA SER B 247 9.59 -6.66 52.59
C SER B 247 8.39 -6.23 51.76
N GLN B 248 8.55 -5.20 50.94
CA GLN B 248 7.44 -4.78 50.10
C GLN B 248 7.03 -5.86 49.12
N LEU B 249 8.00 -6.62 48.60
CA LEU B 249 7.67 -7.69 47.66
C LEU B 249 6.84 -8.76 48.34
N LEU B 250 7.23 -9.17 49.56
CA LEU B 250 6.43 -10.15 50.28
C LEU B 250 5.04 -9.62 50.61
N ASP B 251 4.93 -8.35 51.01
CA ASP B 251 3.61 -7.80 51.28
C ASP B 251 2.74 -7.76 50.04
N ILE B 252 3.31 -7.40 48.90
CA ILE B 252 2.55 -7.37 47.65
C ILE B 252 2.06 -8.77 47.29
N MET B 253 2.94 -9.76 47.42
CA MET B 253 2.55 -11.12 47.10
C MET B 253 1.46 -11.63 48.04
N LYS B 254 1.58 -11.31 49.33
CA LYS B 254 0.56 -11.71 50.29
C LYS B 254 -0.77 -11.04 49.98
N SER B 255 -0.74 -9.77 49.58
CA SER B 255 -1.96 -9.08 49.19
C SER B 255 -2.61 -9.76 47.99
N MET B 256 -1.82 -10.14 46.99
CA MET B 256 -2.38 -10.85 45.85
C MET B 256 -3.00 -12.17 46.27
N ARG B 257 -2.33 -12.92 47.14
CA ARG B 257 -2.87 -14.20 47.59
C ARG B 257 -4.18 -14.01 48.35
N ASN B 258 -4.25 -12.99 49.21
CA ASN B 258 -5.49 -12.70 49.92
C ASN B 258 -6.60 -12.28 48.96
N LEU B 259 -6.24 -11.53 47.93
CA LEU B 259 -7.22 -11.14 46.92
C LEU B 259 -7.81 -12.35 46.23
N VAL B 260 -6.97 -13.33 45.92
CA VAL B 260 -7.49 -14.57 45.34
C VAL B 260 -8.35 -15.32 46.34
N LYS B 261 -7.94 -15.32 47.61
CA LYS B 261 -8.68 -16.05 48.63
C LYS B 261 -10.09 -15.50 48.81
N LYS B 262 -10.23 -14.17 48.85
CA LYS B 262 -11.51 -13.53 49.14
C LYS B 262 -12.45 -13.51 47.94
N TYR B 263 -12.00 -13.91 46.76
CA TYR B 263 -12.83 -13.85 45.58
C TYR B 263 -14.02 -14.80 45.70
N GLU B 264 -15.20 -14.31 45.33
CA GLU B 264 -16.42 -15.10 45.36
C GLU B 264 -17.01 -15.16 43.96
N PRO B 265 -17.15 -16.34 43.35
CA PRO B 265 -17.65 -16.41 42.00
C PRO B 265 -19.13 -16.03 41.95
N PRO B 266 -19.62 -15.57 40.81
CA PRO B 266 -21.04 -15.23 40.70
C PRO B 266 -21.92 -16.46 40.87
N ARG B 267 -23.08 -16.26 41.49
CA ARG B 267 -24.05 -17.32 41.68
C ARG B 267 -25.03 -17.35 40.50
N SER B 268 -25.47 -18.55 40.14
CA SER B 268 -26.26 -18.72 38.92
C SER B 268 -27.61 -18.01 39.03
N GLU B 269 -28.35 -18.25 40.12
CA GLU B 269 -29.68 -17.66 40.23
C GLU B 269 -29.61 -16.15 40.41
N GLU B 270 -28.64 -15.67 41.18
CA GLU B 270 -28.46 -14.23 41.33
C GLU B 270 -28.10 -13.59 39.99
N VAL B 271 -27.25 -14.27 39.21
CA VAL B 271 -26.90 -13.76 37.89
C VAL B 271 -28.13 -13.71 36.99
N ALA B 272 -28.99 -14.72 37.08
CA ALA B 272 -30.20 -14.71 36.26
C ALA B 272 -31.13 -13.56 36.63
N VAL B 273 -31.31 -13.33 37.94
CA VAL B 273 -32.16 -12.23 38.39
C VAL B 273 -31.59 -10.89 37.92
N LEU B 274 -30.28 -10.71 38.08
CA LEU B 274 -29.66 -9.46 37.67
C LEU B 274 -29.64 -9.31 36.16
N LYS B 275 -29.58 -10.42 35.42
CA LYS B 275 -29.67 -10.35 33.97
C LYS B 275 -31.05 -9.87 33.54
N GLN B 276 -32.10 -10.36 34.20
CA GLN B 276 -33.44 -9.85 33.92
C GLN B 276 -33.53 -8.37 34.22
N LYS B 277 -32.96 -7.95 35.37
CA LYS B 277 -32.99 -6.53 35.71
C LYS B 277 -32.28 -5.67 34.67
N LEU B 278 -31.09 -6.11 34.24
CA LEU B 278 -30.33 -5.33 33.27
C LEU B 278 -31.01 -5.33 31.90
N GLU B 279 -31.61 -6.44 31.51
CA GLU B 279 -32.35 -6.48 30.25
C GLU B 279 -33.54 -5.52 30.30
N ARG B 280 -34.22 -5.45 31.44
CA ARG B 280 -35.28 -4.46 31.59
C ARG B 280 -34.71 -3.05 31.49
N CYS B 281 -33.55 -2.81 32.09
CA CYS B 281 -32.94 -1.48 32.02
C CYS B 281 -32.63 -1.08 30.59
N HIS B 282 -32.09 -2.01 29.79
CA HIS B 282 -31.77 -1.71 28.41
C HIS B 282 -33.00 -1.71 27.51
N SER B 283 -34.13 -2.23 27.97
CA SER B 283 -35.34 -2.27 27.17
C SER B 283 -36.01 -0.89 27.12
N ALA C 54 -11.89 17.05 18.93
CA ALA C 54 -13.08 17.28 18.13
C ALA C 54 -13.61 18.69 18.35
N LYS C 55 -13.77 19.44 17.26
CA LYS C 55 -14.24 20.82 17.27
C LYS C 55 -13.30 21.77 18.00
N ARG C 56 -12.16 21.29 18.48
CA ARG C 56 -11.14 22.13 19.08
C ARG C 56 -9.99 22.39 18.14
N TYR C 57 -10.11 22.02 16.88
CA TYR C 57 -9.07 22.24 15.89
C TYR C 57 -9.65 23.03 14.72
N GLU C 58 -8.92 24.04 14.29
CA GLU C 58 -9.31 24.86 13.15
C GLU C 58 -8.39 24.52 11.99
N LYS C 59 -8.91 23.78 11.01
CA LYS C 59 -8.14 23.45 9.83
C LYS C 59 -7.75 24.72 9.09
N LEU C 60 -6.48 24.82 8.69
CA LEU C 60 -6.03 26.05 8.06
C LEU C 60 -5.07 25.82 6.90
N ASP C 61 -4.98 24.60 6.38
CA ASP C 61 -4.11 24.34 5.23
C ASP C 61 -4.42 22.96 4.68
N PHE C 62 -3.59 22.53 3.72
CA PHE C 62 -3.64 21.19 3.15
C PHE C 62 -2.20 20.76 2.89
N LEU C 63 -1.81 19.62 3.43
CA LEU C 63 -0.43 19.18 3.37
C LEU C 63 -0.19 18.02 2.41
N GLY C 64 -1.19 17.21 2.13
CA GLY C 64 -1.02 16.14 1.18
C GLY C 64 -2.13 15.11 1.29
N GLU C 65 -2.16 14.23 0.29
CA GLU C 65 -3.11 13.14 0.23
C GLU C 65 -2.37 11.88 -0.17
N GLY C 66 -3.09 10.76 -0.17
CA GLY C 66 -2.48 9.49 -0.50
C GLY C 66 -3.49 8.37 -0.41
N GLN C 67 -2.99 7.15 -0.57
CA GLN C 67 -3.87 5.99 -0.53
C GLN C 67 -4.48 5.77 0.85
N PHE C 68 -3.75 6.16 1.90
CA PHE C 68 -4.17 5.84 3.27
C PHE C 68 -4.82 7.01 3.99
N ALA C 69 -4.19 8.17 4.00
CA ALA C 69 -4.66 9.26 4.86
C ALA C 69 -4.52 10.60 4.14
N THR C 70 -5.31 11.56 4.60
CA THR C 70 -5.27 12.94 4.14
C THR C 70 -4.73 13.80 5.28
N VAL C 71 -3.66 14.55 5.01
CA VAL C 71 -3.00 15.35 6.04
C VAL C 71 -3.29 16.82 5.77
N TYR C 72 -3.74 17.52 6.80
CA TYR C 72 -3.82 18.97 6.75
C TYR C 72 -3.20 19.56 8.01
N LYS C 73 -3.07 20.88 8.02
CA LYS C 73 -2.40 21.60 9.10
C LYS C 73 -3.44 22.44 9.82
N ALA C 74 -3.44 22.35 11.15
CA ALA C 74 -4.52 22.93 11.93
C ALA C 74 -3.95 23.67 13.12
N ARG C 75 -4.83 24.36 13.84
CA ARG C 75 -4.47 25.09 15.06
C ARG C 75 -5.14 24.44 16.26
N ASP C 76 -4.41 24.37 17.37
CA ASP C 76 -4.91 23.66 18.54
C ASP C 76 -6.05 24.41 19.22
N LYS C 77 -6.11 25.73 19.09
CA LYS C 77 -7.22 26.55 19.58
C LYS C 77 -7.36 26.50 21.09
N ASN C 78 -6.47 25.77 21.77
CA ASN C 78 -6.39 25.79 23.22
C ASN C 78 -5.03 26.30 23.68
N THR C 79 -3.95 25.72 23.17
CA THR C 79 -2.61 26.22 23.39
C THR C 79 -2.11 27.07 22.23
N ASN C 80 -2.95 27.26 21.20
CA ASN C 80 -2.59 28.06 20.02
C ASN C 80 -1.30 27.55 19.37
N GLN C 81 -1.18 26.23 19.26
CA GLN C 81 -0.03 25.61 18.62
C GLN C 81 -0.47 24.92 17.35
N ILE C 82 0.38 24.99 16.32
CA ILE C 82 0.10 24.37 15.03
C ILE C 82 0.34 22.87 15.13
N VAL C 83 -0.64 22.09 14.67
CA VAL C 83 -0.54 20.64 14.68
C VAL C 83 -0.85 20.13 13.27
N ALA C 84 -0.63 18.83 13.07
CA ALA C 84 -0.95 18.18 11.81
C ALA C 84 -1.99 17.10 12.06
N ILE C 85 -3.05 17.12 11.26
CA ILE C 85 -4.16 16.19 11.42
C ILE C 85 -4.20 15.27 10.22
N LYS C 86 -4.17 13.97 10.47
CA LYS C 86 -4.30 12.95 9.44
C LYS C 86 -5.66 12.27 9.59
N LYS C 87 -6.52 12.43 8.58
CA LYS C 87 -7.77 11.69 8.50
C LYS C 87 -7.50 10.37 7.80
N ILE C 88 -7.99 9.28 8.39
CA ILE C 88 -7.74 7.94 7.87
C ILE C 88 -8.89 7.59 6.93
N LYS C 89 -8.56 7.34 5.67
CA LYS C 89 -9.58 7.01 4.68
C LYS C 89 -10.10 5.60 4.91
N LEU C 90 -11.31 5.35 4.41
CA LEU C 90 -11.93 4.04 4.56
C LEU C 90 -11.44 3.03 3.54
N GLY C 91 -10.66 3.45 2.55
CA GLY C 91 -10.20 2.51 1.56
C GLY C 91 -11.30 2.11 0.60
N HIS C 92 -11.03 1.04 -0.14
CA HIS C 92 -11.97 0.54 -1.12
C HIS C 92 -13.23 0.03 -0.43
N ARG C 93 -14.34 -0.01 -1.19
CA ARG C 93 -15.62 -0.41 -0.62
C ARG C 93 -15.61 -1.86 -0.15
N SER C 94 -14.68 -2.68 -0.64
CA SER C 94 -14.57 -4.04 -0.14
C SER C 94 -14.20 -4.06 1.33
N GLU C 95 -13.31 -3.15 1.74
CA GLU C 95 -12.88 -3.06 3.13
C GLU C 95 -13.75 -2.10 3.94
N ALA C 96 -15.07 -2.30 3.87
CA ALA C 96 -16.01 -1.45 4.58
C ALA C 96 -16.61 -2.11 5.80
N LYS C 97 -16.22 -3.36 6.11
CA LYS C 97 -16.71 -4.06 7.28
C LYS C 97 -15.59 -4.51 8.20
N ASP C 98 -14.43 -3.86 8.12
CA ASP C 98 -13.30 -4.19 8.97
C ASP C 98 -13.23 -3.33 10.23
N GLY C 99 -14.13 -2.36 10.39
CA GLY C 99 -14.00 -1.44 11.48
C GLY C 99 -12.83 -0.49 11.26
N ILE C 100 -12.27 0.01 12.37
CA ILE C 100 -11.17 0.96 12.30
C ILE C 100 -10.00 0.34 11.55
N ASN C 101 -9.32 1.16 10.76
CA ASN C 101 -8.22 0.69 9.94
C ASN C 101 -7.10 0.13 10.82
N ARG C 102 -6.52 -0.98 10.38
CA ARG C 102 -5.48 -1.63 11.17
C ARG C 102 -4.20 -0.82 11.21
N THR C 103 -3.90 -0.09 10.13
CA THR C 103 -2.72 0.75 10.12
C THR C 103 -2.84 1.89 11.14
N ALA C 104 -4.03 2.49 11.23
CA ALA C 104 -4.26 3.53 12.23
C ALA C 104 -4.13 2.98 13.64
N LEU C 105 -4.69 1.80 13.89
CA LEU C 105 -4.56 1.20 15.21
C LEU C 105 -3.10 0.89 15.53
N ARG C 106 -2.35 0.40 14.56
CA ARG C 106 -0.93 0.14 14.75
C ARG C 106 -0.20 1.40 15.15
N GLU C 107 -0.42 2.48 14.41
CA GLU C 107 0.25 3.74 14.71
C GLU C 107 -0.11 4.24 16.10
N ILE C 108 -1.41 4.21 16.44
CA ILE C 108 -1.84 4.72 17.74
C ILE C 108 -1.21 3.90 18.87
N LYS C 109 -1.33 2.58 18.79
CA LYS C 109 -0.89 1.73 19.89
C LYS C 109 0.63 1.77 20.05
N LEU C 110 1.38 1.90 18.95
CA LEU C 110 2.82 1.96 19.09
C LEU C 110 3.29 3.31 19.57
N LEU C 111 2.69 4.41 19.09
CA LEU C 111 3.15 5.73 19.46
C LEU C 111 2.68 6.15 20.84
N GLN C 112 1.66 5.51 21.40
CA GLN C 112 1.25 5.86 22.74
C GLN C 112 2.20 5.34 23.82
N GLU C 113 3.13 4.46 23.45
CA GLU C 113 4.05 3.86 24.42
C GLU C 113 5.49 4.32 24.24
N LEU C 114 5.72 5.34 23.42
CA LEU C 114 7.05 5.85 23.15
C LEU C 114 7.10 7.34 23.42
N SER C 115 8.26 7.81 23.88
CA SER C 115 8.47 9.22 24.13
C SER C 115 9.97 9.50 24.03
N HIS C 116 10.38 10.05 22.90
CA HIS C 116 11.77 10.38 22.63
C HIS C 116 11.80 11.66 21.82
N PRO C 117 12.85 12.47 21.97
CA PRO C 117 12.96 13.69 21.15
C PRO C 117 12.97 13.41 19.66
N ASN C 118 13.46 12.25 19.24
CA ASN C 118 13.65 11.96 17.82
C ASN C 118 12.63 10.98 17.29
N ILE C 119 11.47 10.89 17.92
CA ILE C 119 10.36 10.06 17.46
C ILE C 119 9.10 10.91 17.48
N ILE C 120 8.32 10.88 16.40
CA ILE C 120 7.16 11.74 16.30
C ILE C 120 6.21 11.47 17.46
N GLY C 121 5.59 12.53 17.97
CA GLY C 121 4.70 12.44 19.11
C GLY C 121 3.24 12.50 18.66
N LEU C 122 2.42 11.63 19.25
CA LEU C 122 0.99 11.62 18.99
C LEU C 122 0.32 12.47 20.07
N LEU C 123 -0.10 13.68 19.70
CA LEU C 123 -0.69 14.59 20.67
C LEU C 123 -2.11 14.17 21.04
N ASP C 124 -2.90 13.76 20.07
CA ASP C 124 -4.30 13.43 20.28
C ASP C 124 -4.75 12.53 19.16
N ALA C 125 -5.83 11.79 19.41
CA ALA C 125 -6.30 10.80 18.45
C ALA C 125 -7.82 10.79 18.36
N PHE C 126 -8.44 11.97 18.31
CA PHE C 126 -9.90 12.02 18.25
C PHE C 126 -10.42 11.30 17.02
N GLY C 127 -11.74 11.15 16.97
CA GLY C 127 -12.34 10.56 15.78
C GLY C 127 -13.85 10.54 15.81
N HIS C 128 -14.48 10.95 14.72
CA HIS C 128 -15.90 10.73 14.56
C HIS C 128 -16.15 9.24 14.39
N LYS C 129 -17.35 8.80 14.80
CA LYS C 129 -17.67 7.38 14.79
C LYS C 129 -17.52 6.76 13.41
N SER C 130 -17.33 7.57 12.36
CA SER C 130 -17.03 7.10 11.02
C SER C 130 -15.56 7.25 10.66
N ASN C 131 -15.00 8.46 10.80
CA ASN C 131 -13.64 8.75 10.41
C ASN C 131 -12.80 9.03 11.65
N ILE C 132 -11.61 8.44 11.71
CA ILE C 132 -10.70 8.60 12.83
C ILE C 132 -9.53 9.47 12.38
N SER C 133 -9.14 10.41 13.22
CA SER C 133 -8.10 11.38 12.88
C SER C 133 -7.01 11.38 13.94
N LEU C 134 -5.77 11.47 13.49
CA LEU C 134 -4.61 11.47 14.38
C LEU C 134 -3.95 12.84 14.34
N VAL C 135 -3.51 13.31 15.50
CA VAL C 135 -2.91 14.62 15.63
C VAL C 135 -1.44 14.44 16.00
N PHE C 136 -0.54 14.94 15.16
CA PHE C 136 0.89 14.90 15.40
C PHE C 136 1.44 16.31 15.49
N ASP C 137 2.69 16.41 15.93
CA ASP C 137 3.41 17.67 15.86
C ASP C 137 3.57 18.08 14.40
N PHE C 138 3.53 19.38 14.16
CA PHE C 138 3.72 19.89 12.80
C PHE C 138 5.19 19.93 12.47
N MET C 139 5.59 19.22 11.43
CA MET C 139 6.95 19.21 10.92
C MET C 139 6.97 19.85 9.55
N GLU C 140 7.88 20.79 9.34
CA GLU C 140 7.82 21.60 8.12
C GLU C 140 8.33 20.85 6.89
N THR C 141 9.33 19.98 7.04
CA THR C 141 9.90 19.26 5.90
C THR C 141 10.29 17.86 6.34
N ASP C 142 11.03 17.18 5.46
CA ASP C 142 11.60 15.88 5.77
C ASP C 142 12.94 15.77 5.06
N LEU C 143 13.57 14.59 5.16
CA LEU C 143 14.88 14.42 4.56
C LEU C 143 14.81 14.28 3.05
N GLU C 144 13.71 13.78 2.51
CA GLU C 144 13.60 13.62 1.07
C GLU C 144 13.63 14.97 0.37
N VAL C 145 12.95 15.96 0.93
CA VAL C 145 12.94 17.30 0.35
C VAL C 145 14.35 17.89 0.36
N ILE C 146 15.08 17.71 1.46
CA ILE C 146 16.44 18.23 1.55
C ILE C 146 17.35 17.53 0.55
N ILE C 147 17.17 16.21 0.39
CA ILE C 147 18.02 15.46 -0.52
C ILE C 147 17.76 15.88 -1.96
N LYS C 148 16.50 16.02 -2.34
CA LYS C 148 16.16 16.36 -3.72
C LYS C 148 16.33 17.83 -4.05
N ASP C 149 16.57 18.69 -3.07
CA ASP C 149 16.74 20.11 -3.31
C ASP C 149 18.23 20.38 -3.59
N ASN C 150 18.54 20.78 -4.82
CA ASN C 150 19.92 20.98 -5.23
C ASN C 150 20.44 22.38 -4.92
N SER C 151 19.59 23.26 -4.38
CA SER C 151 20.07 24.60 -4.05
C SER C 151 20.97 24.58 -2.82
N LEU C 152 20.71 23.67 -1.89
CA LEU C 152 21.48 23.60 -0.65
C LEU C 152 22.50 22.48 -0.71
N VAL C 153 23.59 22.66 0.05
CA VAL C 153 24.74 21.77 0.03
C VAL C 153 24.81 21.03 1.35
N LEU C 154 24.96 19.71 1.28
CA LEU C 154 25.05 18.87 2.48
C LEU C 154 26.52 18.70 2.81
N THR C 155 26.99 19.51 3.76
CA THR C 155 28.35 19.38 4.26
C THR C 155 28.46 18.10 5.09
N PRO C 156 29.69 17.61 5.33
CA PRO C 156 29.83 16.44 6.20
C PRO C 156 29.19 16.59 7.56
N SER C 157 29.25 17.78 8.15
CA SER C 157 28.64 17.98 9.47
C SER C 157 27.13 17.82 9.42
N HIS C 158 26.48 18.29 8.35
CA HIS C 158 25.04 18.11 8.22
C HIS C 158 24.68 16.64 8.14
N ILE C 159 25.45 15.87 7.36
CA ILE C 159 25.19 14.44 7.23
C ILE C 159 25.38 13.74 8.56
N LYS C 160 26.43 14.11 9.30
CA LYS C 160 26.64 13.53 10.60
C LYS C 160 25.49 13.84 11.54
N ALA C 161 24.97 15.07 11.50
CA ALA C 161 23.84 15.43 12.35
C ALA C 161 22.61 14.60 12.03
N TYR C 162 22.26 14.50 10.74
CA TYR C 162 21.08 13.74 10.36
C TYR C 162 21.21 12.28 10.76
N MET C 163 22.37 11.69 10.50
CA MET C 163 22.60 10.29 10.85
C MET C 163 22.55 10.09 12.36
N LEU C 164 23.08 11.04 13.12
CA LEU C 164 23.12 10.92 14.57
C LEU C 164 21.72 10.92 15.16
N MET C 165 20.88 11.86 14.72
CA MET C 165 19.51 11.87 15.24
C MET C 165 18.72 10.65 14.79
N THR C 166 18.89 10.22 13.53
CA THR C 166 18.21 9.00 13.09
C THR C 166 18.61 7.81 13.95
N LEU C 167 19.91 7.67 14.23
CA LEU C 167 20.38 6.53 14.99
C LEU C 167 19.98 6.61 16.46
N GLN C 168 19.92 7.81 17.04
CA GLN C 168 19.46 7.92 18.42
C GLN C 168 18.00 7.53 18.55
N GLY C 169 17.16 8.03 17.64
CA GLY C 169 15.77 7.59 17.62
C GLY C 169 15.64 6.09 17.43
N LEU C 170 16.43 5.52 16.52
CA LEU C 170 16.34 4.09 16.24
C LEU C 170 16.82 3.27 17.43
N GLU C 171 17.86 3.73 18.13
CA GLU C 171 18.33 3.00 19.29
C GLU C 171 17.27 3.00 20.38
N TYR C 172 16.61 4.14 20.61
CA TYR C 172 15.50 4.16 21.56
C TYR C 172 14.40 3.21 21.10
N LEU C 173 14.15 3.15 19.80
CA LEU C 173 13.09 2.29 19.29
C LEU C 173 13.40 0.82 19.51
N HIS C 174 14.61 0.39 19.14
CA HIS C 174 14.99 -1.01 19.25
C HIS C 174 15.21 -1.45 20.69
N GLN C 175 15.48 -0.51 21.60
CA GLN C 175 15.53 -0.86 23.01
C GLN C 175 14.18 -1.32 23.53
N HIS C 176 13.09 -0.92 22.89
CA HIS C 176 11.75 -1.29 23.31
C HIS C 176 11.20 -2.44 22.51
N TRP C 177 12.04 -3.11 21.72
CA TRP C 177 11.67 -4.31 20.96
C TRP C 177 10.63 -3.98 19.88
N ILE C 178 10.87 -2.89 19.17
CA ILE C 178 10.02 -2.45 18.07
C ILE C 178 10.89 -2.24 16.83
N LEU C 179 10.45 -2.76 15.70
CA LEU C 179 11.09 -2.52 14.42
C LEU C 179 10.27 -1.51 13.63
N HIS C 180 10.94 -0.51 13.04
CA HIS C 180 10.21 0.47 12.24
C HIS C 180 9.70 -0.14 10.94
N ARG C 181 10.57 -0.88 10.24
CA ARG C 181 10.27 -1.65 9.04
C ARG C 181 9.89 -0.79 7.84
N ASP C 182 9.88 0.52 7.94
CA ASP C 182 9.51 1.39 6.82
C ASP C 182 10.41 2.63 6.77
N LEU C 183 11.71 2.45 6.94
CA LEU C 183 12.62 3.58 6.97
C LEU C 183 12.96 4.03 5.55
N LYS C 184 12.79 5.32 5.29
CA LYS C 184 13.17 5.94 4.03
C LYS C 184 13.26 7.44 4.26
N PRO C 185 13.91 8.18 3.35
CA PRO C 185 14.14 9.61 3.62
C PRO C 185 12.87 10.43 3.82
N ASN C 186 11.76 10.05 3.20
CA ASN C 186 10.55 10.84 3.36
C ASN C 186 9.78 10.49 4.63
N ASN C 187 10.28 9.57 5.44
CA ASN C 187 9.71 9.28 6.75
C ASN C 187 10.51 9.89 7.88
N LEU C 188 11.60 10.59 7.59
CA LEU C 188 12.39 11.28 8.60
C LEU C 188 12.06 12.77 8.52
N LEU C 189 11.10 13.19 9.33
CA LEU C 189 10.60 14.56 9.28
C LEU C 189 11.54 15.51 10.01
N LEU C 190 11.40 16.79 9.69
CA LEU C 190 12.20 17.85 10.30
C LEU C 190 11.31 19.02 10.65
N ASP C 191 11.73 19.81 11.62
CA ASP C 191 10.97 20.99 12.04
C ASP C 191 11.84 22.23 11.88
N GLU C 192 11.31 23.37 12.37
CA GLU C 192 12.02 24.64 12.24
C GLU C 192 13.30 24.66 13.04
N ASN C 193 13.39 23.87 14.11
CA ASN C 193 14.57 23.84 14.95
C ASN C 193 15.58 22.79 14.50
N GLY C 194 15.35 22.13 13.37
CA GLY C 194 16.25 21.12 12.88
C GLY C 194 16.33 19.90 13.76
N VAL C 195 15.17 19.39 14.18
CA VAL C 195 15.08 18.17 14.97
C VAL C 195 14.44 17.11 14.09
N LEU C 196 15.18 16.04 13.82
CA LEU C 196 14.68 14.94 13.02
C LEU C 196 13.85 13.99 13.88
N LYS C 197 12.74 13.52 13.32
CA LYS C 197 11.85 12.60 14.02
C LYS C 197 11.42 11.50 13.07
N LEU C 198 11.51 10.25 13.51
CA LEU C 198 10.99 9.15 12.72
C LEU C 198 9.47 9.17 12.77
N ALA C 199 8.84 8.99 11.61
CA ALA C 199 7.40 9.04 11.50
C ALA C 199 6.90 7.84 10.73
N ASP C 200 5.59 7.80 10.50
CA ASP C 200 4.94 6.78 9.69
C ASP C 200 5.17 5.38 10.27
N PHE C 201 4.58 5.17 11.45
CA PHE C 201 4.67 3.90 12.16
C PHE C 201 3.59 2.91 11.72
N GLY C 202 3.09 3.03 10.50
CA GLY C 202 2.05 2.16 10.01
C GLY C 202 2.50 0.76 9.63
N LEU C 203 3.81 0.53 9.55
CA LEU C 203 4.36 -0.80 9.31
C LEU C 203 5.14 -1.33 10.48
N ALA C 204 5.33 -0.54 11.53
CA ALA C 204 6.17 -0.95 12.65
C ALA C 204 5.55 -2.12 13.40
N LYS C 205 6.41 -3.01 13.90
CA LYS C 205 5.96 -4.18 14.60
C LYS C 205 6.95 -4.54 15.70
N SER C 206 6.45 -5.15 16.75
CA SER C 206 7.30 -5.63 17.83
C SER C 206 7.96 -6.94 17.44
N PHE C 207 9.25 -7.06 17.76
CA PHE C 207 10.00 -8.28 17.49
C PHE C 207 10.51 -8.87 18.79
N GLY C 208 10.98 -10.11 18.71
CA GLY C 208 11.51 -10.79 19.87
C GLY C 208 10.74 -12.06 20.20
N SER C 209 9.42 -12.02 20.05
CA SER C 209 8.61 -13.19 20.31
C SER C 209 8.76 -14.20 19.17
N PRO C 210 8.91 -15.50 19.47
CA PRO C 210 9.10 -16.48 18.40
C PRO C 210 7.86 -16.68 17.53
N ASN C 211 6.73 -16.08 17.87
CA ASN C 211 5.54 -16.19 17.03
C ASN C 211 5.80 -15.60 15.65
N ARG C 212 5.41 -16.34 14.62
CA ARG C 212 5.59 -15.91 13.24
C ARG C 212 4.36 -15.16 12.72
N ALA C 213 3.93 -14.14 13.47
CA ALA C 213 2.84 -13.29 13.01
C ALA C 213 3.26 -12.41 11.84
N TYR C 214 4.55 -12.38 11.52
CA TYR C 214 5.07 -11.60 10.41
C TYR C 214 4.34 -11.95 9.11
N THR C 215 3.59 -10.98 8.57
CA THR C 215 2.81 -11.17 7.35
C THR C 215 3.22 -10.08 6.36
N HIS C 216 4.30 -10.34 5.62
CA HIS C 216 4.83 -9.43 4.61
C HIS C 216 4.98 -8.01 5.17
N GLN C 217 4.25 -7.06 4.60
CA GLN C 217 4.31 -5.66 5.01
C GLN C 217 5.75 -5.15 5.07
N VAL C 218 6.37 -5.12 3.90
CA VAL C 218 7.76 -4.70 3.78
C VAL C 218 7.81 -3.29 3.21
N VAL C 219 8.95 -2.64 3.41
CA VAL C 219 9.20 -1.28 2.94
C VAL C 219 9.28 -1.28 1.42
N THR C 220 9.24 -0.09 0.81
CA THR C 220 9.49 0.02 -0.62
C THR C 220 10.83 -0.60 -0.95
N ARG C 221 10.89 -1.28 -2.10
CA ARG C 221 11.98 -2.22 -2.36
C ARG C 221 13.34 -1.55 -2.44
N TRP C 222 13.40 -0.23 -2.59
CA TRP C 222 14.69 0.44 -2.70
C TRP C 222 15.50 0.32 -1.43
N TYR C 223 14.84 0.15 -0.29
CA TYR C 223 15.51 0.10 1.01
C TYR C 223 15.34 -1.24 1.70
N ARG C 224 14.71 -2.21 1.05
CA ARG C 224 14.48 -3.52 1.64
C ARG C 224 15.79 -4.29 1.77
N ALA C 225 16.01 -4.89 2.94
CA ALA C 225 17.21 -5.66 3.17
C ALA C 225 17.18 -6.95 2.36
N PRO C 226 18.35 -7.48 1.98
CA PRO C 226 18.37 -8.69 1.14
C PRO C 226 17.69 -9.88 1.79
N GLU C 227 17.75 -10.02 3.11
CA GLU C 227 17.08 -11.13 3.76
C GLU C 227 15.57 -11.00 3.64
N LEU C 228 15.05 -9.78 3.57
CA LEU C 228 13.64 -9.58 3.31
C LEU C 228 13.29 -9.83 1.87
N LEU C 229 14.20 -9.51 0.94
CA LEU C 229 13.97 -9.79 -0.46
C LEU C 229 13.96 -11.29 -0.73
N PHE C 230 14.71 -12.06 0.07
CA PHE C 230 14.71 -13.51 -0.01
C PHE C 230 13.59 -14.14 0.80
N GLY C 231 12.71 -13.33 1.39
CA GLY C 231 11.50 -13.83 2.00
C GLY C 231 11.60 -14.30 3.43
N ALA C 232 12.50 -13.74 4.23
CA ALA C 232 12.62 -14.17 5.62
C ALA C 232 11.36 -13.84 6.40
N ARG C 233 10.98 -14.74 7.31
CA ARG C 233 9.83 -14.55 8.17
C ARG C 233 10.20 -14.16 9.59
N MET C 234 11.40 -14.55 10.04
CA MET C 234 11.95 -14.13 11.32
C MET C 234 13.15 -13.25 11.05
N TYR C 235 13.21 -12.09 11.71
CA TYR C 235 14.34 -11.18 11.54
C TYR C 235 14.42 -10.28 12.76
N GLY C 236 15.45 -9.43 12.77
CA GLY C 236 15.72 -8.55 13.89
C GLY C 236 15.97 -7.14 13.40
N VAL C 237 16.88 -6.45 14.11
CA VAL C 237 17.14 -5.04 13.83
C VAL C 237 17.85 -4.82 12.50
N GLY C 238 18.39 -5.88 11.89
CA GLY C 238 19.11 -5.70 10.65
C GLY C 238 18.28 -5.03 9.57
N VAL C 239 16.99 -5.37 9.50
CA VAL C 239 16.12 -4.81 8.49
C VAL C 239 16.05 -3.29 8.60
N ASP C 240 16.18 -2.75 9.82
CA ASP C 240 16.25 -1.30 9.94
C ASP C 240 17.62 -0.79 9.54
N MET C 241 18.68 -1.47 10.01
CA MET C 241 20.03 -0.98 9.79
C MET C 241 20.36 -0.88 8.30
N TRP C 242 20.00 -1.92 7.54
CA TRP C 242 20.21 -1.87 6.10
C TRP C 242 19.58 -0.62 5.51
N ALA C 243 18.33 -0.36 5.88
CA ALA C 243 17.66 0.83 5.36
C ALA C 243 18.43 2.08 5.74
N VAL C 244 18.91 2.14 6.97
CA VAL C 244 19.71 3.29 7.41
C VAL C 244 20.89 3.46 6.47
N GLY C 245 21.59 2.37 6.17
CA GLY C 245 22.72 2.48 5.25
C GLY C 245 22.30 3.09 3.94
N CYS C 246 21.17 2.62 3.39
CA CYS C 246 20.70 3.16 2.13
C CYS C 246 20.45 4.66 2.25
N ILE C 247 19.80 5.07 3.34
CA ILE C 247 19.55 6.49 3.54
C ILE C 247 20.87 7.24 3.57
N LEU C 248 21.84 6.71 4.29
CA LEU C 248 23.16 7.33 4.34
C LEU C 248 23.72 7.46 2.93
N ALA C 249 23.62 6.40 2.13
CA ALA C 249 24.12 6.46 0.77
C ALA C 249 23.42 7.56 -0.01
N GLU C 250 22.11 7.69 0.18
CA GLU C 250 21.39 8.78 -0.50
C GLU C 250 21.96 10.13 -0.10
N LEU C 251 22.20 10.32 1.20
CA LEU C 251 22.76 11.58 1.64
C LEU C 251 24.12 11.83 1.02
N LEU C 252 24.85 10.77 0.68
CA LEU C 252 26.17 10.92 0.10
C LEU C 252 26.14 11.04 -1.42
N LEU C 253 24.99 10.82 -2.05
CA LEU C 253 24.94 10.89 -3.50
C LEU C 253 23.75 11.66 -4.04
N ARG C 254 22.78 12.06 -3.20
CA ARG C 254 21.58 12.78 -3.59
C ARG C 254 20.68 11.99 -4.52
N VAL C 255 21.01 10.73 -4.79
CA VAL C 255 20.16 9.86 -5.59
C VAL C 255 20.02 8.52 -4.86
N PRO C 256 18.95 7.78 -5.13
CA PRO C 256 18.81 6.45 -4.52
C PRO C 256 19.99 5.55 -4.83
N PHE C 257 20.44 4.81 -3.82
CA PHE C 257 21.61 3.97 -3.96
C PHE C 257 21.34 2.78 -4.87
N LEU C 258 20.24 2.06 -4.62
CA LEU C 258 19.92 0.83 -5.35
C LEU C 258 18.49 0.91 -5.86
N PRO C 259 18.27 1.58 -6.98
CA PRO C 259 16.90 1.77 -7.50
C PRO C 259 16.39 0.67 -8.44
N GLY C 260 16.04 -0.48 -7.86
CA GLY C 260 15.49 -1.56 -8.64
C GLY C 260 14.01 -1.37 -8.93
N ASP C 261 13.56 -1.99 -10.02
CA ASP C 261 12.16 -1.93 -10.42
C ASP C 261 11.40 -3.22 -10.14
N SER C 262 12.04 -4.21 -9.54
CA SER C 262 11.38 -5.43 -9.10
C SER C 262 12.25 -6.08 -8.04
N ASP C 263 11.68 -7.06 -7.34
CA ASP C 263 12.43 -7.74 -6.29
C ASP C 263 13.66 -8.42 -6.84
N LEU C 264 13.52 -9.12 -7.96
CA LEU C 264 14.67 -9.76 -8.59
C LEU C 264 15.68 -8.72 -9.07
N ASP C 265 15.19 -7.63 -9.65
CA ASP C 265 16.09 -6.57 -10.08
C ASP C 265 16.75 -5.87 -8.90
N GLN C 266 16.02 -5.72 -7.80
CA GLN C 266 16.64 -5.15 -6.61
C GLN C 266 17.76 -6.03 -6.09
N LEU C 267 17.52 -7.35 -6.06
CA LEU C 267 18.58 -8.26 -5.62
C LEU C 267 19.76 -8.24 -6.58
N THR C 268 19.48 -8.14 -7.89
CA THR C 268 20.55 -8.04 -8.87
C THR C 268 21.40 -6.79 -8.64
N ARG C 269 20.75 -5.65 -8.40
CA ARG C 269 21.50 -4.42 -8.15
C ARG C 269 22.32 -4.52 -6.87
N ILE C 270 21.75 -5.11 -5.83
CA ILE C 270 22.48 -5.26 -4.57
C ILE C 270 23.72 -6.12 -4.79
N PHE C 271 23.57 -7.24 -5.48
CA PHE C 271 24.68 -8.15 -5.68
C PHE C 271 25.70 -7.60 -6.65
N GLU C 272 25.28 -6.76 -7.60
CA GLU C 272 26.24 -6.14 -8.50
C GLU C 272 27.04 -5.06 -7.79
N THR C 273 26.40 -4.29 -6.92
CA THR C 273 27.11 -3.22 -6.23
C THR C 273 28.02 -3.76 -5.14
N LEU C 274 27.55 -4.74 -4.36
CA LEU C 274 28.28 -5.21 -3.19
C LEU C 274 28.87 -6.60 -3.35
N GLY C 275 28.63 -7.28 -4.47
CA GLY C 275 29.16 -8.62 -4.66
C GLY C 275 28.20 -9.69 -4.18
N THR C 276 28.12 -10.79 -4.91
CA THR C 276 27.23 -11.89 -4.53
C THR C 276 27.78 -12.56 -3.27
N PRO C 277 27.00 -12.67 -2.21
CA PRO C 277 27.54 -13.25 -0.97
C PRO C 277 27.79 -14.74 -1.10
N THR C 278 28.85 -15.20 -0.47
CA THR C 278 29.14 -16.62 -0.40
C THR C 278 28.51 -17.19 0.87
N GLU C 279 28.83 -18.43 1.20
CA GLU C 279 28.36 -19.00 2.45
C GLU C 279 29.22 -18.64 3.64
N GLU C 280 30.41 -18.09 3.40
CA GLU C 280 31.24 -17.64 4.51
C GLU C 280 30.67 -16.37 5.14
N GLN C 281 30.18 -15.45 4.32
CA GLN C 281 29.63 -14.19 4.82
C GLN C 281 28.14 -14.26 5.09
N TRP C 282 27.50 -15.38 4.81
CA TRP C 282 26.07 -15.55 5.09
C TRP C 282 25.83 -17.04 5.26
N PRO C 283 26.04 -17.56 6.48
CA PRO C 283 26.15 -19.01 6.64
C PRO C 283 24.92 -19.82 6.20
N ASP C 284 23.72 -19.30 6.41
CA ASP C 284 22.51 -20.07 6.15
C ASP C 284 21.65 -19.45 5.05
N MET C 285 22.29 -18.72 4.14
CA MET C 285 21.55 -17.93 3.16
C MET C 285 20.62 -18.80 2.32
N CYS C 286 21.06 -19.99 1.93
CA CYS C 286 20.29 -20.84 1.04
C CYS C 286 19.05 -21.44 1.67
N SER C 287 18.88 -21.30 2.99
CA SER C 287 17.71 -21.85 3.66
C SER C 287 16.49 -20.94 3.57
N LEU C 288 16.65 -19.72 3.08
CA LEU C 288 15.53 -18.79 3.04
C LEU C 288 14.51 -19.25 2.01
N PRO C 289 13.21 -19.05 2.27
CA PRO C 289 12.19 -19.64 1.38
C PRO C 289 12.24 -19.15 -0.06
N ASP C 290 12.52 -17.87 -0.28
CA ASP C 290 12.55 -17.32 -1.63
C ASP C 290 13.96 -17.21 -2.18
N TYR C 291 14.84 -18.14 -1.84
CA TYR C 291 16.22 -18.05 -2.26
C TYR C 291 16.35 -18.35 -3.75
N VAL C 292 17.06 -17.49 -4.46
CA VAL C 292 17.41 -17.68 -5.86
C VAL C 292 18.92 -17.57 -6.00
N THR C 293 19.51 -18.49 -6.76
CA THR C 293 20.93 -18.45 -7.01
C THR C 293 21.25 -17.43 -8.10
N PHE C 294 22.27 -16.62 -7.85
CA PHE C 294 22.66 -15.54 -8.73
C PHE C 294 24.08 -15.76 -9.25
N LYS C 295 24.48 -14.94 -10.21
CA LYS C 295 25.86 -14.98 -10.67
C LYS C 295 26.79 -14.48 -9.59
N SER C 296 28.06 -14.89 -9.70
CA SER C 296 29.09 -14.46 -8.75
C SER C 296 29.64 -13.12 -9.21
N PHE C 297 28.91 -12.06 -8.89
CA PHE C 297 29.38 -10.71 -9.16
C PHE C 297 30.56 -10.39 -8.26
N PRO C 298 31.56 -9.65 -8.75
CA PRO C 298 32.71 -9.34 -7.89
C PRO C 298 32.43 -8.24 -6.88
N GLY C 299 31.63 -7.25 -7.25
CA GLY C 299 31.36 -6.13 -6.36
C GLY C 299 32.31 -4.98 -6.59
N ILE C 300 31.81 -3.78 -6.32
CA ILE C 300 32.60 -2.56 -6.46
C ILE C 300 33.18 -2.19 -5.10
N PRO C 301 34.46 -1.82 -5.02
CA PRO C 301 35.01 -1.35 -3.75
C PRO C 301 34.25 -0.14 -3.26
N LEU C 302 34.07 -0.06 -1.94
CA LEU C 302 33.22 0.98 -1.37
C LEU C 302 33.80 2.36 -1.60
N HIS C 303 35.12 2.51 -1.49
CA HIS C 303 35.73 3.82 -1.69
C HIS C 303 35.61 4.29 -3.13
N HIS C 304 35.30 3.40 -4.07
CA HIS C 304 35.02 3.83 -5.43
C HIS C 304 33.63 4.42 -5.56
N ILE C 305 32.65 3.85 -4.86
CA ILE C 305 31.29 4.38 -4.93
C ILE C 305 31.19 5.72 -4.23
N PHE C 306 31.77 5.82 -3.04
CA PHE C 306 31.74 7.05 -2.24
C PHE C 306 33.17 7.60 -2.21
N SER C 307 33.50 8.42 -3.21
CA SER C 307 34.87 8.89 -3.36
C SER C 307 35.24 9.92 -2.30
N ALA C 308 34.27 10.73 -1.85
CA ALA C 308 34.57 11.77 -0.88
C ALA C 308 34.54 11.28 0.57
N ALA C 309 34.08 10.06 0.82
CA ALA C 309 33.94 9.58 2.19
C ALA C 309 35.29 9.25 2.80
N GLY C 310 35.43 9.54 4.10
CA GLY C 310 36.62 9.20 4.83
C GLY C 310 36.65 7.74 5.24
N ASP C 311 37.74 7.36 5.90
CA ASP C 311 37.90 5.97 6.31
C ASP C 311 36.88 5.55 7.36
N ASP C 312 36.63 6.42 8.35
CA ASP C 312 35.65 6.09 9.39
C ASP C 312 34.25 5.97 8.81
N LEU C 313 33.88 6.88 7.90
CA LEU C 313 32.59 6.77 7.22
C LEU C 313 32.51 5.48 6.41
N LEU C 314 33.61 5.10 5.77
CA LEU C 314 33.62 3.85 5.01
C LEU C 314 33.41 2.65 5.92
N ASP C 315 34.05 2.65 7.10
CA ASP C 315 33.83 1.57 8.06
C ASP C 315 32.38 1.51 8.50
N LEU C 316 31.77 2.68 8.76
CA LEU C 316 30.37 2.69 9.16
C LEU C 316 29.47 2.14 8.05
N ILE C 317 29.73 2.56 6.81
CA ILE C 317 28.91 2.10 5.69
C ILE C 317 29.07 0.60 5.49
N GLN C 318 30.31 0.09 5.59
CA GLN C 318 30.52 -1.35 5.46
C GLN C 318 29.81 -2.10 6.56
N GLY C 319 29.83 -1.58 7.79
CA GLY C 319 29.11 -2.24 8.87
C GLY C 319 27.62 -2.26 8.64
N LEU C 320 27.08 -1.19 8.06
CA LEU C 320 25.64 -1.12 7.81
C LEU C 320 25.19 -2.02 6.68
N PHE C 321 26.10 -2.42 5.78
CA PHE C 321 25.74 -3.16 4.59
C PHE C 321 26.23 -4.61 4.62
N LEU C 322 26.51 -5.15 5.80
CA LEU C 322 26.95 -6.52 5.91
C LEU C 322 25.81 -7.48 5.55
N PHE C 323 26.14 -8.52 4.78
CA PHE C 323 25.11 -9.42 4.29
C PHE C 323 24.53 -10.28 5.40
N ASN C 324 25.37 -10.76 6.30
CA ASN C 324 24.90 -11.55 7.42
C ASN C 324 24.10 -10.66 8.37
N PRO C 325 22.81 -10.94 8.60
CA PRO C 325 22.01 -10.07 9.46
C PRO C 325 22.46 -10.08 10.92
N CYS C 326 23.09 -11.16 11.38
CA CYS C 326 23.59 -11.20 12.74
C CYS C 326 24.86 -10.38 12.93
N ALA C 327 25.70 -10.32 11.91
CA ALA C 327 26.94 -9.54 11.98
C ALA C 327 26.76 -8.08 11.62
N ARG C 328 25.64 -7.72 10.99
CA ARG C 328 25.36 -6.32 10.71
C ARG C 328 25.28 -5.53 12.00
N ILE C 329 25.92 -4.36 12.02
CA ILE C 329 26.01 -3.60 13.26
C ILE C 329 24.62 -3.14 13.69
N THR C 330 24.48 -2.88 14.99
CA THR C 330 23.23 -2.38 15.57
C THR C 330 23.35 -0.88 15.81
N ALA C 331 22.21 -0.27 16.14
CA ALA C 331 22.18 1.18 16.34
C ALA C 331 23.11 1.60 17.46
N THR C 332 23.14 0.85 18.55
CA THR C 332 24.08 1.15 19.64
C THR C 332 25.52 1.02 19.18
N GLN C 333 25.84 -0.06 18.46
CA GLN C 333 27.20 -0.23 17.96
C GLN C 333 27.54 0.85 16.95
N ALA C 334 26.58 1.24 16.11
CA ALA C 334 26.83 2.29 15.13
C ALA C 334 27.12 3.61 15.80
N LEU C 335 26.39 3.93 16.88
CA LEU C 335 26.60 5.19 17.57
C LEU C 335 27.96 5.25 18.23
N LYS C 336 28.55 4.11 18.57
CA LYS C 336 29.84 4.09 19.23
C LYS C 336 31.01 4.15 18.25
N MET C 337 30.75 4.09 16.95
CA MET C 337 31.84 4.06 15.99
C MET C 337 32.58 5.39 15.99
N LYS C 338 33.85 5.34 15.58
CA LYS C 338 34.70 6.52 15.59
C LYS C 338 34.22 7.61 14.65
N TYR C 339 33.32 7.31 13.72
CA TYR C 339 32.84 8.32 12.79
C TYR C 339 32.15 9.47 13.51
N PHE C 340 31.31 9.15 14.51
CA PHE C 340 30.52 10.16 15.17
C PHE C 340 31.31 10.99 16.16
N SER C 341 32.29 10.39 16.84
CA SER C 341 33.09 11.11 17.81
C SER C 341 34.26 11.84 17.19
N ASN C 342 34.46 11.72 15.87
CA ASN C 342 35.55 12.37 15.19
C ASN C 342 35.20 13.81 14.82
N ARG C 343 36.21 14.59 14.56
CA ARG C 343 36.05 15.94 14.06
C ARG C 343 35.71 15.90 12.58
N PRO C 344 34.82 16.78 12.09
CA PRO C 344 34.05 17.80 12.80
C PRO C 344 32.80 17.23 13.44
N GLY C 345 32.30 17.86 14.50
CA GLY C 345 31.09 17.43 15.15
C GLY C 345 29.86 17.72 14.32
N PRO C 346 28.72 17.17 14.71
CA PRO C 346 27.50 17.42 13.95
C PRO C 346 27.09 18.88 14.01
N THR C 347 26.42 19.33 12.95
CA THR C 347 25.90 20.68 12.91
C THR C 347 24.78 20.84 13.94
N PRO C 348 24.78 21.93 14.71
CA PRO C 348 23.68 22.16 15.65
C PRO C 348 22.35 22.26 14.91
N GLY C 349 21.28 21.87 15.60
CA GLY C 349 19.99 21.78 14.94
C GLY C 349 19.50 23.08 14.36
N CYS C 350 19.91 24.21 14.94
CA CYS C 350 19.43 25.49 14.45
C CYS C 350 20.09 25.88 13.12
N GLN C 351 21.29 25.38 12.86
CA GLN C 351 22.04 25.75 11.67
C GLN C 351 21.81 24.81 10.49
N LEU C 352 20.97 23.79 10.64
CA LEU C 352 20.74 22.87 9.55
C LEU C 352 20.03 23.58 8.41
N PRO C 353 20.32 23.22 7.16
CA PRO C 353 19.72 23.94 6.02
C PRO C 353 18.21 23.75 5.97
N ARG C 354 17.52 24.80 5.53
CA ARG C 354 16.08 24.82 5.42
C ARG C 354 15.68 25.18 4.00
N PRO C 355 14.84 24.38 3.34
CA PRO C 355 14.39 24.70 1.97
C PRO C 355 13.29 25.77 1.97
N LEU C 385 14.89 26.14 -25.25
CA LEU C 385 14.04 25.98 -24.08
C LEU C 385 14.66 26.64 -22.84
N PRO C 386 13.87 27.47 -22.15
CA PRO C 386 12.50 27.87 -22.45
C PRO C 386 12.43 28.94 -23.53
N LYS C 387 11.28 29.09 -24.18
CA LYS C 387 11.13 30.08 -25.24
C LYS C 387 9.66 30.51 -25.29
N LYS C 388 9.45 31.82 -25.38
CA LYS C 388 8.10 32.38 -25.53
C LYS C 388 7.86 32.66 -27.01
N LEU C 389 6.72 32.18 -27.51
CA LEU C 389 6.35 32.37 -28.90
C LEU C 389 5.64 33.71 -29.06
N ILE C 390 6.05 34.46 -30.08
CA ILE C 390 5.40 35.72 -30.44
C ILE C 390 4.69 35.50 -31.77
N PHE C 391 3.37 35.68 -31.75
CA PHE C 391 2.56 35.46 -32.95
C PHE C 391 2.16 36.78 -33.59
N MET D 4 -25.69 18.71 -9.31
CA MET D 4 -25.02 18.97 -8.04
C MET D 4 -25.98 18.82 -6.89
N GLU D 5 -27.06 19.62 -6.92
CA GLU D 5 -28.10 19.55 -5.91
C GLU D 5 -29.16 18.51 -6.24
N ASN D 6 -29.05 17.84 -7.39
CA ASN D 6 -30.06 16.88 -7.80
C ASN D 6 -29.90 15.54 -7.08
N PHE D 7 -28.76 15.30 -6.45
CA PHE D 7 -28.49 14.03 -5.77
C PHE D 7 -28.41 14.25 -4.27
N GLN D 8 -28.99 13.33 -3.51
CA GLN D 8 -28.95 13.35 -2.06
C GLN D 8 -28.07 12.23 -1.56
N LYS D 9 -27.01 12.58 -0.83
CA LYS D 9 -26.05 11.59 -0.36
C LYS D 9 -26.67 10.73 0.74
N VAL D 10 -26.90 9.45 0.43
CA VAL D 10 -27.39 8.52 1.44
C VAL D 10 -26.30 8.18 2.45
N GLU D 11 -25.13 7.78 1.98
CA GLU D 11 -24.06 7.42 2.91
C GLU D 11 -22.73 7.38 2.15
N LYS D 12 -21.64 7.27 2.91
CA LYS D 12 -20.30 7.18 2.34
C LYS D 12 -19.93 5.72 2.18
N ILE D 13 -19.65 5.31 0.94
CA ILE D 13 -19.39 3.91 0.63
C ILE D 13 -17.91 3.59 0.75
N GLY D 14 -17.05 4.39 0.12
CA GLY D 14 -15.63 4.13 0.16
C GLY D 14 -14.86 5.43 0.02
N GLU D 15 -13.54 5.30 0.11
CA GLU D 15 -12.66 6.47 0.02
C GLU D 15 -11.30 5.97 -0.49
N GLY D 16 -11.07 6.15 -1.78
CA GLY D 16 -9.88 5.64 -2.42
C GLY D 16 -8.74 6.63 -2.41
N THR D 17 -7.88 6.52 -3.42
CA THR D 17 -6.68 7.36 -3.48
C THR D 17 -7.00 8.79 -3.87
N TYR D 18 -8.08 9.02 -4.62
CA TYR D 18 -8.32 10.35 -5.17
C TYR D 18 -9.71 10.88 -4.88
N GLY D 19 -10.70 10.00 -4.80
CA GLY D 19 -12.07 10.43 -4.65
C GLY D 19 -12.78 9.69 -3.53
N VAL D 20 -13.87 10.29 -3.07
CA VAL D 20 -14.74 9.70 -2.06
C VAL D 20 -15.99 9.19 -2.77
N VAL D 21 -16.39 7.96 -2.46
CA VAL D 21 -17.54 7.34 -3.08
C VAL D 21 -18.69 7.34 -2.09
N TYR D 22 -19.85 7.83 -2.53
CA TYR D 22 -21.07 7.82 -1.77
C TYR D 22 -22.11 6.97 -2.48
N LYS D 23 -22.99 6.35 -1.70
CA LYS D 23 -24.26 5.89 -2.22
C LYS D 23 -25.24 7.03 -2.08
N ALA D 24 -25.87 7.42 -3.18
CA ALA D 24 -26.73 8.59 -3.22
C ALA D 24 -27.99 8.27 -4.00
N ARG D 25 -28.96 9.17 -3.93
CA ARG D 25 -30.24 8.99 -4.58
C ARG D 25 -30.54 10.17 -5.50
N ASN D 26 -31.09 9.87 -6.68
CA ASN D 26 -31.48 10.89 -7.64
C ASN D 26 -32.85 11.41 -7.27
N LYS D 27 -32.93 12.68 -6.85
CA LYS D 27 -34.17 13.23 -6.33
C LYS D 27 -35.26 13.27 -7.41
N LEU D 28 -34.88 13.60 -8.64
CA LEU D 28 -35.87 13.75 -9.71
C LEU D 28 -36.32 12.43 -10.29
N THR D 29 -35.62 11.32 -10.02
CA THR D 29 -35.99 10.04 -10.62
C THR D 29 -36.12 8.95 -9.58
N GLY D 30 -35.37 9.07 -8.47
CA GLY D 30 -35.42 8.09 -7.41
C GLY D 30 -34.42 6.96 -7.53
N GLU D 31 -33.70 6.86 -8.65
CA GLU D 31 -32.72 5.79 -8.80
C GLU D 31 -31.53 6.01 -7.89
N VAL D 32 -31.04 4.93 -7.31
CA VAL D 32 -29.88 4.99 -6.42
C VAL D 32 -28.62 4.81 -7.26
N VAL D 33 -27.65 5.68 -7.06
CA VAL D 33 -26.43 5.70 -7.84
C VAL D 33 -25.23 5.76 -6.90
N ALA D 34 -24.06 5.51 -7.46
CA ALA D 34 -22.80 5.69 -6.75
C ALA D 34 -22.15 6.96 -7.27
N LEU D 35 -21.91 7.90 -6.37
CA LEU D 35 -21.37 9.21 -6.71
C LEU D 35 -19.93 9.29 -6.24
N LYS D 36 -19.01 9.41 -7.17
CA LYS D 36 -17.60 9.58 -6.87
C LYS D 36 -17.26 11.05 -6.97
N LYS D 37 -16.76 11.63 -5.88
CA LYS D 37 -16.42 13.04 -5.81
C LYS D 37 -14.91 13.17 -5.73
N ILE D 38 -14.33 13.90 -6.68
CA ILE D 38 -12.91 14.22 -6.68
C ILE D 38 -12.78 15.73 -6.55
N ARG D 39 -12.14 16.18 -5.48
CA ARG D 39 -11.99 17.62 -5.28
C ARG D 39 -10.83 18.12 -6.13
N LEU D 40 -11.12 18.97 -7.10
CA LEU D 40 -10.08 19.48 -7.98
C LEU D 40 -9.17 20.46 -7.25
N ASP D 41 -9.69 21.14 -6.22
CA ASP D 41 -8.85 21.91 -5.34
C ASP D 41 -7.89 20.97 -4.59
N THR D 42 -6.91 21.56 -3.92
CA THR D 42 -5.86 20.85 -3.20
C THR D 42 -4.96 20.03 -4.13
N GLU D 43 -5.18 20.11 -5.43
CA GLU D 43 -4.38 19.39 -6.41
C GLU D 43 -3.42 20.38 -7.07
N THR D 44 -2.13 20.11 -6.95
CA THR D 44 -1.13 20.96 -7.58
C THR D 44 -0.90 20.61 -9.04
N GLU D 45 -1.58 19.60 -9.56
CA GLU D 45 -1.44 19.19 -10.94
C GLU D 45 -2.74 19.25 -11.73
N GLY D 46 -3.85 19.58 -11.10
CA GLY D 46 -5.11 19.65 -11.81
C GLY D 46 -5.91 18.36 -11.69
N VAL D 47 -6.65 18.02 -12.73
CA VAL D 47 -7.39 16.76 -12.71
C VAL D 47 -6.41 15.60 -12.67
N PRO D 48 -6.59 14.61 -11.80
CA PRO D 48 -5.70 13.44 -11.82
C PRO D 48 -5.78 12.73 -13.16
N SER D 49 -4.62 12.26 -13.64
CA SER D 49 -4.58 11.60 -14.92
C SER D 49 -5.38 10.30 -14.90
N THR D 50 -5.44 9.64 -13.75
CA THR D 50 -6.25 8.43 -13.64
C THR D 50 -7.73 8.74 -13.85
N ALA D 51 -8.21 9.85 -13.32
CA ALA D 51 -9.61 10.23 -13.55
C ALA D 51 -9.86 10.58 -15.01
N ILE D 52 -8.91 11.26 -15.64
CA ILE D 52 -9.05 11.61 -17.05
C ILE D 52 -9.15 10.34 -17.90
N ARG D 53 -8.24 9.40 -17.66
CA ARG D 53 -8.27 8.16 -18.43
C ARG D 53 -9.54 7.36 -18.15
N GLU D 54 -9.96 7.31 -16.89
CA GLU D 54 -11.16 6.54 -16.54
C GLU D 54 -12.39 7.11 -17.22
N ILE D 55 -12.61 8.42 -17.12
CA ILE D 55 -13.78 9.03 -17.74
C ILE D 55 -13.73 8.86 -19.24
N SER D 56 -12.57 9.15 -19.85
CA SER D 56 -12.46 9.11 -21.30
C SER D 56 -12.71 7.72 -21.84
N LEU D 57 -12.17 6.69 -21.19
CA LEU D 57 -12.38 5.34 -21.65
C LEU D 57 -13.79 4.83 -21.36
N LEU D 58 -14.32 5.14 -20.17
CA LEU D 58 -15.62 4.64 -19.79
C LEU D 58 -16.76 5.30 -20.57
N LYS D 59 -16.53 6.48 -21.14
CA LYS D 59 -17.56 7.08 -21.97
C LYS D 59 -17.87 6.23 -23.19
N GLU D 60 -16.83 5.61 -23.77
CA GLU D 60 -17.01 4.84 -25.00
C GLU D 60 -17.47 3.41 -24.75
N LEU D 61 -17.36 2.90 -23.53
CA LEU D 61 -17.63 1.49 -23.26
C LEU D 61 -19.07 1.36 -22.80
N ASN D 62 -19.97 1.10 -23.74
CA ASN D 62 -21.39 0.91 -23.47
C ASN D 62 -21.71 -0.57 -23.71
N HIS D 63 -21.65 -1.35 -22.65
CA HIS D 63 -21.91 -2.78 -22.71
C HIS D 63 -22.77 -3.17 -21.51
N PRO D 64 -23.60 -4.20 -21.65
CA PRO D 64 -24.38 -4.67 -20.50
C PRO D 64 -23.51 -5.13 -19.34
N ASN D 65 -22.29 -5.57 -19.60
CA ASN D 65 -21.43 -6.17 -18.58
C ASN D 65 -20.33 -5.22 -18.13
N ILE D 66 -20.50 -3.92 -18.31
CA ILE D 66 -19.58 -2.90 -17.83
C ILE D 66 -20.37 -1.85 -17.09
N VAL D 67 -19.85 -1.38 -15.95
CA VAL D 67 -20.57 -0.40 -15.15
C VAL D 67 -20.78 0.87 -15.97
N LYS D 68 -22.00 1.39 -15.91
CA LYS D 68 -22.37 2.56 -16.71
C LYS D 68 -21.92 3.83 -16.02
N LEU D 69 -21.25 4.70 -16.77
CA LEU D 69 -20.98 6.07 -16.33
C LEU D 69 -22.14 6.91 -16.81
N LEU D 70 -23.10 7.15 -15.93
CA LEU D 70 -24.34 7.83 -16.32
C LEU D 70 -24.11 9.31 -16.62
N ASP D 71 -23.29 9.97 -15.82
CA ASP D 71 -23.14 11.41 -15.96
C ASP D 71 -21.79 11.84 -15.39
N VAL D 72 -21.30 12.97 -15.89
CA VAL D 72 -20.09 13.61 -15.38
C VAL D 72 -20.40 15.07 -15.16
N ILE D 73 -20.26 15.54 -13.92
CA ILE D 73 -20.52 16.92 -13.56
C ILE D 73 -19.18 17.58 -13.26
N HIS D 74 -18.80 18.55 -14.08
CA HIS D 74 -17.51 19.21 -13.96
C HIS D 74 -17.70 20.61 -13.40
N THR D 75 -16.99 20.91 -12.32
CA THR D 75 -17.08 22.18 -11.62
C THR D 75 -15.65 22.70 -11.45
N GLU D 76 -15.53 23.97 -11.05
CA GLU D 76 -14.21 24.58 -10.94
C GLU D 76 -13.34 23.85 -9.92
N ASN D 77 -13.92 23.44 -8.79
CA ASN D 77 -13.15 22.81 -7.73
C ASN D 77 -13.58 21.39 -7.39
N LYS D 78 -14.66 20.89 -7.99
CA LYS D 78 -15.10 19.52 -7.75
C LYS D 78 -15.45 18.85 -9.06
N LEU D 79 -15.37 17.53 -9.07
CA LEU D 79 -15.68 16.73 -10.24
C LEU D 79 -16.46 15.51 -9.78
N TYR D 80 -17.66 15.33 -10.32
CA TYR D 80 -18.56 14.27 -9.88
C TYR D 80 -18.75 13.26 -11.00
N LEU D 81 -18.62 11.98 -10.66
CA LEU D 81 -18.88 10.88 -11.57
C LEU D 81 -20.04 10.07 -11.03
N VAL D 82 -21.04 9.84 -11.85
CA VAL D 82 -22.22 9.09 -11.45
C VAL D 82 -22.16 7.73 -12.10
N PHE D 83 -22.22 6.68 -11.28
CA PHE D 83 -22.21 5.31 -11.76
C PHE D 83 -23.51 4.64 -11.34
N GLU D 84 -23.95 3.67 -12.12
CA GLU D 84 -25.03 2.80 -11.66
C GLU D 84 -24.56 2.03 -10.44
N PHE D 85 -25.46 1.82 -9.49
CA PHE D 85 -25.11 1.22 -8.22
C PHE D 85 -25.35 -0.29 -8.25
N LEU D 86 -24.34 -1.05 -7.87
CA LEU D 86 -24.45 -2.48 -7.64
C LEU D 86 -24.03 -2.75 -6.20
N HIS D 87 -24.78 -3.60 -5.51
CA HIS D 87 -24.69 -3.64 -4.06
C HIS D 87 -23.41 -4.30 -3.57
N GLN D 88 -22.94 -5.35 -4.24
CA GLN D 88 -21.79 -6.07 -3.73
C GLN D 88 -20.94 -6.58 -4.89
N ASP D 89 -19.70 -6.93 -4.56
CA ASP D 89 -18.73 -7.45 -5.51
C ASP D 89 -18.63 -8.96 -5.43
N LEU D 90 -17.86 -9.53 -6.35
CA LEU D 90 -17.74 -10.99 -6.42
C LEU D 90 -16.88 -11.55 -5.29
N LYS D 91 -15.91 -10.77 -4.80
CA LYS D 91 -15.09 -11.26 -3.70
C LYS D 91 -15.92 -11.49 -2.44
N LYS D 92 -16.81 -10.54 -2.12
CA LYS D 92 -17.70 -10.72 -0.98
C LYS D 92 -18.63 -11.90 -1.19
N PHE D 93 -19.11 -12.08 -2.42
CA PHE D 93 -19.98 -13.21 -2.73
C PHE D 93 -19.25 -14.53 -2.53
N MET D 94 -17.99 -14.60 -2.94
CA MET D 94 -17.21 -15.82 -2.76
C MET D 94 -16.92 -16.08 -1.29
N ASP D 95 -16.65 -15.02 -0.52
CA ASP D 95 -16.44 -15.19 0.92
C ASP D 95 -17.71 -15.70 1.59
N ALA D 96 -18.87 -15.13 1.23
CA ALA D 96 -20.12 -15.55 1.84
C ALA D 96 -20.52 -16.95 1.41
N SER D 97 -20.37 -17.26 0.12
CA SER D 97 -20.75 -18.56 -0.41
C SER D 97 -19.67 -19.61 -0.24
N ALA D 98 -18.71 -19.39 0.65
CA ALA D 98 -17.75 -20.43 0.98
C ALA D 98 -18.44 -21.52 1.81
N LEU D 99 -17.79 -22.69 1.85
CA LEU D 99 -18.23 -23.88 2.57
C LEU D 99 -19.48 -24.50 1.98
N THR D 100 -20.08 -23.89 0.96
CA THR D 100 -21.18 -24.50 0.23
C THR D 100 -20.84 -24.50 -1.26
N GLY D 101 -20.08 -23.50 -1.70
CA GLY D 101 -19.60 -23.45 -3.06
C GLY D 101 -20.57 -22.83 -4.03
N ILE D 102 -20.06 -21.99 -4.93
CA ILE D 102 -20.91 -21.43 -5.99
C ILE D 102 -21.33 -22.55 -6.93
N PRO D 103 -22.60 -22.63 -7.34
CA PRO D 103 -23.01 -23.67 -8.28
C PRO D 103 -22.27 -23.54 -9.61
N LEU D 104 -22.02 -24.69 -10.23
CA LEU D 104 -21.31 -24.71 -11.50
C LEU D 104 -22.02 -23.89 -12.58
N PRO D 105 -23.35 -23.99 -12.78
CA PRO D 105 -23.97 -23.12 -13.79
C PRO D 105 -23.79 -21.64 -13.52
N LEU D 106 -23.81 -21.22 -12.26
CA LEU D 106 -23.57 -19.82 -11.95
C LEU D 106 -22.16 -19.42 -12.30
N ILE D 107 -21.18 -20.29 -12.02
CA ILE D 107 -19.79 -19.99 -12.36
C ILE D 107 -19.64 -19.87 -13.87
N LYS D 108 -20.24 -20.78 -14.62
CA LYS D 108 -20.15 -20.73 -16.08
C LYS D 108 -20.78 -19.45 -16.62
N SER D 109 -21.95 -19.08 -16.11
CA SER D 109 -22.61 -17.87 -16.58
C SER D 109 -21.79 -16.63 -16.23
N TYR D 110 -21.22 -16.60 -15.03
CA TYR D 110 -20.39 -15.46 -14.64
C TYR D 110 -19.17 -15.34 -15.54
N LEU D 111 -18.52 -16.46 -15.83
CA LEU D 111 -17.36 -16.42 -16.71
C LEU D 111 -17.75 -15.99 -18.13
N PHE D 112 -18.90 -16.45 -18.61
CA PHE D 112 -19.36 -16.05 -19.94
C PHE D 112 -19.60 -14.55 -20.00
N GLN D 113 -20.24 -13.99 -18.98
CA GLN D 113 -20.49 -12.55 -18.95
C GLN D 113 -19.18 -11.76 -18.83
N LEU D 114 -18.26 -12.22 -17.98
CA LEU D 114 -16.99 -11.55 -17.84
C LEU D 114 -16.20 -11.57 -19.14
N LEU D 115 -16.23 -12.70 -19.85
CA LEU D 115 -15.54 -12.79 -21.13
C LEU D 115 -16.17 -11.88 -22.16
N GLN D 116 -17.50 -11.78 -22.19
CA GLN D 116 -18.14 -10.86 -23.11
C GLN D 116 -17.74 -9.41 -22.82
N GLY D 117 -17.74 -9.03 -21.55
CA GLY D 117 -17.33 -7.68 -21.19
C GLY D 117 -15.88 -7.41 -21.56
N LEU D 118 -14.99 -8.36 -21.27
CA LEU D 118 -13.58 -8.17 -21.59
C LEU D 118 -13.33 -8.13 -23.09
N ALA D 119 -14.06 -8.94 -23.85
CA ALA D 119 -13.94 -8.89 -25.30
C ALA D 119 -14.40 -7.56 -25.86
N PHE D 120 -15.49 -7.02 -25.30
CA PHE D 120 -15.92 -5.69 -25.72
C PHE D 120 -14.87 -4.65 -25.38
N CYS D 121 -14.24 -4.77 -24.20
CA CYS D 121 -13.19 -3.83 -23.83
C CYS D 121 -11.99 -3.94 -24.77
N HIS D 122 -11.62 -5.16 -25.16
CA HIS D 122 -10.42 -5.35 -25.96
C HIS D 122 -10.64 -4.95 -27.42
N SER D 123 -11.83 -5.21 -27.96
CA SER D 123 -12.11 -4.77 -29.32
C SER D 123 -12.16 -3.25 -29.45
N HIS D 124 -12.35 -2.54 -28.34
CA HIS D 124 -12.30 -1.09 -28.30
C HIS D 124 -10.96 -0.57 -27.83
N ARG D 125 -9.90 -1.33 -28.08
CA ARG D 125 -8.51 -1.02 -27.68
C ARG D 125 -8.44 -0.43 -26.28
N VAL D 126 -8.97 -1.17 -25.30
CA VAL D 126 -8.90 -0.79 -23.90
C VAL D 126 -8.41 -1.98 -23.10
N LEU D 127 -7.40 -1.75 -22.25
CA LEU D 127 -6.82 -2.76 -21.37
C LEU D 127 -7.25 -2.45 -19.94
N HIS D 128 -7.97 -3.39 -19.32
CA HIS D 128 -8.47 -3.14 -17.97
C HIS D 128 -7.34 -3.05 -16.96
N ARG D 129 -6.44 -4.05 -16.95
CA ARG D 129 -5.23 -4.11 -16.14
C ARG D 129 -5.48 -4.30 -14.65
N ASP D 130 -6.73 -4.41 -14.20
CA ASP D 130 -7.00 -4.55 -12.78
C ASP D 130 -8.10 -5.57 -12.52
N LEU D 131 -8.06 -6.71 -13.21
CA LEU D 131 -9.12 -7.71 -13.08
C LEU D 131 -8.89 -8.52 -11.81
N LYS D 132 -9.66 -8.23 -10.78
CA LYS D 132 -9.62 -8.95 -9.52
C LYS D 132 -11.05 -9.04 -9.00
N PRO D 133 -11.33 -10.01 -8.13
CA PRO D 133 -12.73 -10.20 -7.69
C PRO D 133 -13.32 -8.98 -7.00
N GLN D 134 -12.50 -8.17 -6.33
CA GLN D 134 -13.01 -6.98 -5.67
C GLN D 134 -13.50 -5.94 -6.65
N ASN D 135 -13.09 -6.01 -7.92
CA ASN D 135 -13.48 -5.04 -8.93
C ASN D 135 -14.58 -5.55 -9.85
N LEU D 136 -15.16 -6.71 -9.55
CA LEU D 136 -16.26 -7.25 -10.32
C LEU D 136 -17.53 -7.15 -9.50
N LEU D 137 -18.49 -6.37 -9.97
CA LEU D 137 -19.68 -6.05 -9.20
C LEU D 137 -20.87 -6.88 -9.69
N ILE D 138 -21.61 -7.47 -8.76
CA ILE D 138 -22.78 -8.26 -9.11
C ILE D 138 -24.03 -7.57 -8.60
N ASN D 139 -25.15 -7.84 -9.26
CA ASN D 139 -26.46 -7.37 -8.84
C ASN D 139 -27.30 -8.55 -8.38
N THR D 140 -28.53 -8.26 -7.99
CA THR D 140 -29.43 -9.30 -7.50
C THR D 140 -30.10 -10.09 -8.61
N GLU D 141 -29.96 -9.66 -9.86
CA GLU D 141 -30.62 -10.30 -10.99
C GLU D 141 -29.74 -11.35 -11.67
N GLY D 142 -28.55 -11.62 -11.13
CA GLY D 142 -27.67 -12.60 -11.72
C GLY D 142 -26.77 -12.11 -12.82
N ALA D 143 -26.34 -10.85 -12.75
CA ALA D 143 -25.42 -10.27 -13.73
C ALA D 143 -24.16 -9.79 -13.01
N ILE D 144 -23.05 -9.82 -13.74
CA ILE D 144 -21.75 -9.41 -13.22
C ILE D 144 -21.15 -8.41 -14.20
N LYS D 145 -20.52 -7.37 -13.66
CA LYS D 145 -19.99 -6.28 -14.46
C LYS D 145 -18.55 -5.97 -14.06
N LEU D 146 -17.72 -5.68 -15.07
CA LEU D 146 -16.40 -5.14 -14.81
C LEU D 146 -16.53 -3.72 -14.27
N ALA D 147 -15.69 -3.38 -13.31
CA ALA D 147 -15.75 -2.07 -12.68
C ALA D 147 -14.34 -1.62 -12.34
N ASP D 148 -14.24 -0.42 -11.78
CA ASP D 148 -12.98 0.18 -11.34
C ASP D 148 -11.98 0.27 -12.50
N PHE D 149 -12.34 1.08 -13.48
CA PHE D 149 -11.45 1.32 -14.62
C PHE D 149 -10.45 2.42 -14.28
N GLY D 150 -9.79 2.32 -13.13
CA GLY D 150 -8.84 3.33 -12.71
C GLY D 150 -7.47 3.09 -13.31
N LEU D 151 -7.12 1.84 -13.54
CA LEU D 151 -5.86 1.47 -14.17
C LEU D 151 -6.00 1.24 -15.65
N ALA D 152 -7.17 1.48 -16.23
CA ALA D 152 -7.40 1.14 -17.62
C ALA D 152 -6.55 1.99 -18.55
N ARG D 153 -6.17 1.40 -19.68
CA ARG D 153 -5.35 2.06 -20.67
C ARG D 153 -5.83 1.71 -22.06
N ALA D 154 -5.62 2.63 -22.99
CA ALA D 154 -5.87 2.39 -24.40
C ALA D 154 -4.58 1.93 -25.06
N PHE D 155 -4.66 0.89 -25.88
CA PHE D 155 -3.47 0.34 -26.52
C PHE D 155 -3.52 0.47 -28.04
N GLY D 156 -3.95 1.63 -28.53
CA GLY D 156 -3.75 1.93 -29.94
C GLY D 156 -2.28 1.92 -30.31
N VAL D 157 -1.43 2.35 -29.38
CA VAL D 157 0.01 2.13 -29.46
C VAL D 157 0.36 1.24 -28.26
N PRO D 158 1.46 0.48 -28.30
CA PRO D 158 1.76 -0.43 -27.20
C PRO D 158 1.92 0.32 -25.88
N VAL D 159 1.49 -0.31 -24.80
CA VAL D 159 1.46 0.29 -23.47
C VAL D 159 2.67 -0.20 -22.68
N ARG D 160 3.42 0.73 -22.10
CA ARG D 160 4.55 0.36 -21.27
C ARG D 160 4.08 -0.16 -19.92
N THR D 161 4.93 -0.96 -19.28
CA THR D 161 4.63 -1.50 -17.97
C THR D 161 5.16 -0.57 -16.88
N TYR D 162 4.32 -0.26 -15.91
CA TYR D 162 4.68 0.60 -14.79
C TYR D 162 4.65 -0.22 -13.51
N THR D 163 5.71 -0.10 -12.72
CA THR D 163 5.78 -0.85 -11.46
C THR D 163 4.71 -0.40 -10.49
N HIS D 164 4.44 0.90 -10.43
CA HIS D 164 3.55 1.42 -9.39
C HIS D 164 2.08 1.13 -9.69
N GLU D 165 1.69 1.13 -10.96
CA GLU D 165 0.32 0.83 -11.34
C GLU D 165 0.29 -0.58 -11.94
N VAL D 166 -0.30 -1.51 -11.19
CA VAL D 166 -0.36 -2.91 -11.61
C VAL D 166 -1.35 -3.62 -10.72
N VAL D 167 -1.93 -4.71 -11.23
CA VAL D 167 -2.89 -5.48 -10.44
C VAL D 167 -2.19 -6.10 -9.23
N THR D 168 -3.00 -6.52 -8.27
CA THR D 168 -2.47 -7.13 -7.06
C THR D 168 -1.78 -8.46 -7.40
N LEU D 169 -1.03 -8.97 -6.43
CA LEU D 169 -0.07 -10.04 -6.69
C LEU D 169 -0.75 -11.31 -7.21
N TRP D 170 -1.87 -11.70 -6.58
CA TRP D 170 -2.43 -13.02 -6.86
C TRP D 170 -2.90 -13.19 -8.29
N TYR D 171 -3.21 -12.09 -8.98
CA TYR D 171 -3.74 -12.15 -10.34
C TYR D 171 -2.78 -11.53 -11.35
N ARG D 172 -1.51 -11.40 -10.98
CA ARG D 172 -0.48 -10.90 -11.86
C ARG D 172 0.00 -12.02 -12.79
N ALA D 173 0.13 -11.71 -14.08
CA ALA D 173 0.57 -12.68 -15.07
C ALA D 173 2.08 -12.87 -15.01
N PRO D 174 2.58 -14.06 -15.37
CA PRO D 174 4.02 -14.32 -15.22
C PRO D 174 4.90 -13.43 -16.08
N GLU D 175 4.43 -13.00 -17.25
CA GLU D 175 5.24 -12.11 -18.08
C GLU D 175 5.50 -10.79 -17.37
N ILE D 176 4.53 -10.29 -16.62
CA ILE D 176 4.74 -9.10 -15.81
C ILE D 176 5.70 -9.39 -14.66
N LEU D 177 5.60 -10.58 -14.06
CA LEU D 177 6.47 -10.93 -12.95
C LEU D 177 7.92 -11.05 -13.39
N LEU D 178 8.16 -11.44 -14.64
CA LEU D 178 9.51 -11.58 -15.17
C LEU D 178 10.02 -10.29 -15.81
N GLY D 179 9.26 -9.21 -15.71
CA GLY D 179 9.76 -7.91 -16.15
C GLY D 179 9.59 -7.61 -17.62
N CYS D 180 8.46 -7.99 -18.21
CA CYS D 180 8.23 -7.67 -19.62
C CYS D 180 8.06 -6.16 -19.80
N LYS D 181 8.48 -5.68 -20.97
CA LYS D 181 8.47 -4.24 -21.21
C LYS D 181 7.08 -3.71 -21.52
N TYR D 182 6.26 -4.48 -22.22
CA TYR D 182 4.97 -3.99 -22.71
C TYR D 182 3.85 -4.92 -22.27
N TYR D 183 2.70 -4.31 -22.02
CA TYR D 183 1.48 -5.04 -21.73
C TYR D 183 0.91 -5.64 -23.02
N SER D 184 -0.10 -6.49 -22.85
CA SER D 184 -0.89 -7.00 -23.96
C SER D 184 -2.23 -7.44 -23.38
N THR D 185 -3.12 -7.88 -24.26
CA THR D 185 -4.44 -8.32 -23.82
C THR D 185 -4.38 -9.60 -22.99
N ALA D 186 -3.28 -10.34 -23.03
CA ALA D 186 -3.22 -11.63 -22.37
C ALA D 186 -3.13 -11.52 -20.86
N VAL D 187 -2.76 -10.36 -20.32
CA VAL D 187 -2.72 -10.21 -18.87
C VAL D 187 -4.13 -10.25 -18.29
N ASP D 188 -5.09 -9.66 -18.99
CA ASP D 188 -6.48 -9.75 -18.57
C ASP D 188 -6.97 -11.18 -18.61
N ILE D 189 -6.58 -11.94 -19.62
CA ILE D 189 -6.98 -13.34 -19.72
C ILE D 189 -6.37 -14.15 -18.58
N TRP D 190 -5.12 -13.87 -18.22
CA TRP D 190 -4.53 -14.54 -17.08
C TRP D 190 -5.29 -14.24 -15.79
N SER D 191 -5.65 -12.98 -15.57
CA SER D 191 -6.42 -12.64 -14.38
C SER D 191 -7.77 -13.34 -14.37
N LEU D 192 -8.42 -13.40 -15.53
CA LEU D 192 -9.72 -14.07 -15.61
C LEU D 192 -9.58 -15.56 -15.32
N GLY D 193 -8.51 -16.18 -15.79
CA GLY D 193 -8.28 -17.58 -15.48
C GLY D 193 -8.04 -17.81 -13.99
N CYS D 194 -7.28 -16.91 -13.36
CA CYS D 194 -7.08 -17.01 -11.92
C CYS D 194 -8.40 -16.88 -11.17
N ILE D 195 -9.27 -15.95 -11.61
CA ILE D 195 -10.56 -15.78 -10.94
C ILE D 195 -11.46 -16.98 -11.18
N PHE D 196 -11.39 -17.57 -12.38
CA PHE D 196 -12.14 -18.78 -12.68
C PHE D 196 -11.73 -19.91 -11.73
N ALA D 197 -10.43 -20.11 -11.57
CA ALA D 197 -9.95 -21.15 -10.65
C ALA D 197 -10.38 -20.86 -9.22
N GLU D 198 -10.30 -19.59 -8.81
CA GLU D 198 -10.69 -19.24 -7.44
C GLU D 198 -12.16 -19.50 -7.20
N MET D 199 -13.02 -19.17 -8.17
CA MET D 199 -14.44 -19.46 -8.03
C MET D 199 -14.68 -20.96 -7.94
N VAL D 200 -13.98 -21.75 -8.75
CA VAL D 200 -14.23 -23.19 -8.76
C VAL D 200 -13.77 -23.83 -7.44
N THR D 201 -12.57 -23.49 -6.97
CA THR D 201 -11.99 -24.17 -5.82
C THR D 201 -12.11 -23.38 -4.52
N ARG D 202 -12.79 -22.24 -4.52
CA ARG D 202 -13.07 -21.45 -3.32
C ARG D 202 -11.81 -20.92 -2.66
N ARG D 203 -10.67 -20.93 -3.34
CA ARG D 203 -9.45 -20.34 -2.80
C ARG D 203 -8.58 -19.88 -3.95
N ALA D 204 -7.67 -18.95 -3.64
CA ALA D 204 -6.82 -18.38 -4.67
C ALA D 204 -5.94 -19.45 -5.29
N LEU D 205 -5.83 -19.42 -6.62
CA LEU D 205 -5.01 -20.39 -7.33
C LEU D 205 -3.54 -20.23 -6.97
N PHE D 206 -3.05 -18.99 -6.97
CA PHE D 206 -1.64 -18.69 -6.69
C PHE D 206 -1.58 -17.62 -5.61
N PRO D 207 -1.70 -18.00 -4.35
CA PRO D 207 -1.70 -17.01 -3.25
C PRO D 207 -0.30 -16.71 -2.72
N GLY D 208 0.52 -16.08 -3.56
CA GLY D 208 1.88 -15.79 -3.17
C GLY D 208 1.99 -14.62 -2.22
N ASP D 209 3.07 -14.62 -1.44
CA ASP D 209 3.32 -13.55 -0.48
C ASP D 209 4.15 -12.42 -1.06
N SER D 210 5.02 -12.70 -2.03
CA SER D 210 5.86 -11.70 -2.65
C SER D 210 5.94 -11.99 -4.14
N GLU D 211 6.69 -11.16 -4.86
CA GLU D 211 6.85 -11.39 -6.29
C GLU D 211 7.56 -12.70 -6.57
N ILE D 212 8.67 -12.95 -5.87
CA ILE D 212 9.39 -14.20 -6.06
C ILE D 212 8.53 -15.38 -5.63
N ASP D 213 7.82 -15.25 -4.52
CA ASP D 213 6.95 -16.33 -4.07
C ASP D 213 5.82 -16.59 -5.06
N GLN D 214 5.24 -15.53 -5.63
CA GLN D 214 4.19 -15.71 -6.63
C GLN D 214 4.73 -16.42 -7.88
N LEU D 215 5.91 -16.02 -8.34
CA LEU D 215 6.52 -16.69 -9.47
C LEU D 215 6.80 -18.15 -9.17
N PHE D 216 7.27 -18.45 -7.96
CA PHE D 216 7.56 -19.84 -7.61
C PHE D 216 6.30 -20.66 -7.47
N ARG D 217 5.21 -20.07 -6.97
CA ARG D 217 3.94 -20.78 -6.93
C ARG D 217 3.45 -21.12 -8.33
N ILE D 218 3.56 -20.16 -9.25
CA ILE D 218 3.18 -20.43 -10.64
C ILE D 218 4.04 -21.54 -11.23
N PHE D 219 5.34 -21.49 -10.95
CA PHE D 219 6.24 -22.53 -11.46
C PHE D 219 5.93 -23.89 -10.85
N ARG D 220 5.56 -23.92 -9.57
CA ARG D 220 5.27 -25.18 -8.91
C ARG D 220 3.99 -25.81 -9.44
N THR D 221 2.99 -24.98 -9.78
CA THR D 221 1.76 -25.55 -10.28
C THR D 221 1.85 -25.91 -11.77
N LEU D 222 2.39 -25.02 -12.59
CA LEU D 222 2.39 -25.21 -14.04
C LEU D 222 3.72 -25.71 -14.58
N GLY D 223 4.71 -25.92 -13.73
CA GLY D 223 6.02 -26.33 -14.22
C GLY D 223 6.89 -25.15 -14.60
N THR D 224 8.18 -25.24 -14.30
CA THR D 224 9.10 -24.17 -14.66
C THR D 224 9.22 -24.09 -16.18
N PRO D 225 9.01 -22.92 -16.78
CA PRO D 225 9.00 -22.84 -18.24
C PRO D 225 10.40 -22.90 -18.81
N ASP D 226 10.48 -23.34 -20.07
CA ASP D 226 11.72 -23.36 -20.83
C ASP D 226 11.45 -22.78 -22.21
N GLU D 227 12.47 -22.78 -23.06
CA GLU D 227 12.34 -22.15 -24.36
C GLU D 227 11.42 -22.91 -25.31
N VAL D 228 11.00 -24.12 -24.94
CA VAL D 228 10.10 -24.88 -25.80
C VAL D 228 8.66 -24.45 -25.57
N VAL D 229 8.22 -24.45 -24.31
CA VAL D 229 6.84 -24.08 -24.03
C VAL D 229 6.64 -22.58 -24.13
N TRP D 230 7.69 -21.80 -23.85
CA TRP D 230 7.62 -20.33 -23.83
C TRP D 230 8.85 -19.80 -24.54
N PRO D 231 8.82 -19.70 -25.86
CA PRO D 231 9.99 -19.20 -26.59
C PRO D 231 10.36 -17.79 -26.16
N GLY D 232 11.66 -17.55 -26.03
CA GLY D 232 12.14 -16.25 -25.60
C GLY D 232 12.08 -15.99 -24.11
N VAL D 233 11.72 -16.99 -23.30
CA VAL D 233 11.61 -16.76 -21.86
C VAL D 233 12.96 -16.49 -21.25
N THR D 234 14.01 -17.16 -21.72
CA THR D 234 15.33 -17.00 -21.14
C THR D 234 15.93 -15.63 -21.39
N SER D 235 15.39 -14.86 -22.32
CA SER D 235 15.87 -13.52 -22.60
C SER D 235 15.14 -12.44 -21.84
N MET D 236 14.14 -12.80 -21.03
CA MET D 236 13.40 -11.80 -20.29
C MET D 236 14.28 -11.17 -19.21
N PRO D 237 14.05 -9.90 -18.87
CA PRO D 237 14.99 -9.18 -18.00
C PRO D 237 15.19 -9.82 -16.64
N ASP D 238 14.15 -10.38 -16.04
CA ASP D 238 14.25 -10.92 -14.70
C ASP D 238 14.36 -12.44 -14.67
N TYR D 239 14.62 -13.07 -15.82
CA TYR D 239 14.81 -14.50 -15.85
C TYR D 239 16.20 -14.85 -15.33
N LYS D 240 16.26 -15.91 -14.53
CA LYS D 240 17.52 -16.41 -13.99
C LYS D 240 17.70 -17.85 -14.42
N PRO D 241 18.89 -18.24 -14.87
CA PRO D 241 19.09 -19.65 -15.26
C PRO D 241 18.92 -20.63 -14.13
N SER D 242 19.05 -20.18 -12.88
CA SER D 242 19.08 -21.06 -11.72
C SER D 242 17.71 -21.26 -11.08
N PHE D 243 16.63 -20.89 -11.77
CA PHE D 243 15.31 -21.15 -11.23
C PHE D 243 15.12 -22.65 -11.06
N PRO D 244 14.54 -23.10 -9.95
CA PRO D 244 14.32 -24.53 -9.75
C PRO D 244 13.41 -25.09 -10.84
N LYS D 245 13.70 -26.31 -11.27
CA LYS D 245 12.97 -26.94 -12.36
C LYS D 245 11.93 -27.88 -11.76
N TRP D 246 10.75 -27.35 -11.49
CA TRP D 246 9.63 -28.18 -11.09
C TRP D 246 8.92 -28.73 -12.32
N ALA D 247 8.08 -29.73 -12.10
CA ALA D 247 7.31 -30.35 -13.16
C ALA D 247 5.85 -29.98 -13.03
N ARG D 248 5.17 -29.82 -14.16
CA ARG D 248 3.77 -29.46 -14.14
C ARG D 248 2.94 -30.57 -13.53
N GLN D 249 2.07 -30.21 -12.60
CA GLN D 249 1.12 -31.17 -12.04
C GLN D 249 -0.19 -31.08 -12.81
N ASP D 250 -0.73 -32.24 -13.16
CA ASP D 250 -1.88 -32.29 -14.05
C ASP D 250 -3.08 -31.59 -13.40
N PHE D 251 -3.91 -31.00 -14.25
CA PHE D 251 -5.03 -30.19 -13.77
C PHE D 251 -6.09 -31.01 -13.06
N SER D 252 -5.91 -32.34 -12.96
CA SER D 252 -6.86 -33.17 -12.24
C SER D 252 -6.85 -32.88 -10.74
N LYS D 253 -5.82 -32.22 -10.22
CA LYS D 253 -5.75 -31.92 -8.80
C LYS D 253 -5.74 -30.44 -8.48
N VAL D 254 -5.29 -29.58 -9.40
CA VAL D 254 -5.32 -28.14 -9.12
C VAL D 254 -6.76 -27.64 -9.11
N VAL D 255 -7.61 -28.18 -9.97
CA VAL D 255 -9.04 -27.88 -9.98
C VAL D 255 -9.82 -29.19 -10.08
N PRO D 256 -9.98 -29.91 -8.97
CA PRO D 256 -10.66 -31.22 -9.03
C PRO D 256 -12.07 -31.14 -9.59
N PRO D 257 -12.93 -30.24 -9.10
CA PRO D 257 -14.33 -30.30 -9.54
C PRO D 257 -14.54 -30.03 -11.02
N LEU D 258 -13.59 -29.40 -11.70
CA LEU D 258 -13.77 -29.05 -13.10
C LEU D 258 -13.80 -30.30 -13.97
N ASP D 259 -14.56 -30.22 -15.06
CA ASP D 259 -14.66 -31.32 -16.00
C ASP D 259 -13.60 -31.16 -17.09
N GLU D 260 -13.68 -31.98 -18.14
CA GLU D 260 -12.65 -31.98 -19.17
C GLU D 260 -12.64 -30.68 -19.95
N ASP D 261 -13.81 -30.21 -20.38
CA ASP D 261 -13.88 -28.96 -21.14
C ASP D 261 -13.43 -27.78 -20.28
N GLY D 262 -13.87 -27.74 -19.03
CA GLY D 262 -13.44 -26.67 -18.14
C GLY D 262 -11.94 -26.68 -17.92
N ARG D 263 -11.37 -27.87 -17.75
CA ARG D 263 -9.92 -27.97 -17.55
C ARG D 263 -9.17 -27.52 -18.79
N SER D 264 -9.66 -27.88 -19.98
CA SER D 264 -8.99 -27.44 -21.20
C SER D 264 -9.07 -25.93 -21.36
N LEU D 265 -10.23 -25.34 -21.05
CA LEU D 265 -10.34 -23.89 -21.11
C LEU D 265 -9.41 -23.20 -20.12
N LEU D 266 -9.35 -23.71 -18.89
CA LEU D 266 -8.48 -23.11 -17.89
C LEU D 266 -7.02 -23.25 -18.31
N SER D 267 -6.66 -24.37 -18.92
CA SER D 267 -5.28 -24.55 -19.38
C SER D 267 -4.95 -23.58 -20.51
N GLN D 268 -5.90 -23.34 -21.42
CA GLN D 268 -5.66 -22.37 -22.46
C GLN D 268 -5.52 -20.95 -21.90
N MET D 269 -6.32 -20.63 -20.89
CA MET D 269 -6.21 -19.32 -20.26
C MET D 269 -4.89 -19.15 -19.52
N LEU D 270 -4.30 -20.25 -19.05
CA LEU D 270 -3.10 -20.22 -18.23
C LEU D 270 -1.86 -20.63 -19.01
N HIS D 271 -1.79 -20.27 -20.29
CA HIS D 271 -0.63 -20.55 -21.11
C HIS D 271 0.51 -19.60 -20.75
N TYR D 272 1.73 -20.15 -20.67
CA TYR D 272 2.89 -19.33 -20.37
C TYR D 272 3.13 -18.29 -21.46
N ASP D 273 3.03 -18.70 -22.71
CA ASP D 273 3.33 -17.81 -23.82
C ASP D 273 2.20 -16.81 -24.00
N PRO D 274 2.46 -15.50 -23.88
CA PRO D 274 1.37 -14.53 -24.12
C PRO D 274 0.77 -14.64 -25.49
N ASN D 275 1.56 -14.99 -26.51
CA ASN D 275 1.03 -15.11 -27.86
C ASN D 275 0.13 -16.32 -28.01
N LYS D 276 0.43 -17.41 -27.30
CA LYS D 276 -0.36 -18.63 -27.39
C LYS D 276 -1.54 -18.65 -26.43
N ARG D 277 -1.61 -17.70 -25.50
CA ARG D 277 -2.74 -17.64 -24.58
C ARG D 277 -4.01 -17.34 -25.36
N ILE D 278 -5.12 -17.95 -24.93
CA ILE D 278 -6.37 -17.79 -25.64
C ILE D 278 -6.85 -16.35 -25.52
N SER D 279 -7.56 -15.89 -26.54
CA SER D 279 -8.14 -14.56 -26.53
C SER D 279 -9.54 -14.60 -25.93
N ALA D 280 -10.13 -13.42 -25.75
CA ALA D 280 -11.43 -13.35 -25.10
C ALA D 280 -12.53 -13.93 -25.99
N LYS D 281 -12.54 -13.57 -27.27
CA LYS D 281 -13.60 -14.08 -28.15
C LYS D 281 -13.37 -15.53 -28.54
N ALA D 282 -12.13 -15.94 -28.75
CA ALA D 282 -11.85 -17.35 -28.95
C ALA D 282 -12.23 -18.17 -27.74
N ALA D 283 -12.11 -17.58 -26.54
CA ALA D 283 -12.61 -18.26 -25.34
C ALA D 283 -14.13 -18.29 -25.33
N LEU D 284 -14.77 -17.24 -25.84
CA LEU D 284 -16.22 -17.25 -25.98
C LEU D 284 -16.70 -18.34 -26.92
N ALA D 285 -15.86 -18.73 -27.88
CA ALA D 285 -16.21 -19.79 -28.82
C ALA D 285 -15.84 -21.18 -28.31
N HIS D 286 -15.51 -21.32 -27.03
CA HIS D 286 -15.07 -22.60 -26.51
C HIS D 286 -16.26 -23.55 -26.32
N PRO D 287 -16.03 -24.86 -26.43
CA PRO D 287 -17.10 -25.83 -26.12
C PRO D 287 -17.50 -25.88 -24.66
N PHE D 288 -16.80 -25.18 -23.77
CA PHE D 288 -17.22 -25.14 -22.37
C PHE D 288 -18.52 -24.37 -22.21
N PHE D 289 -18.83 -23.45 -23.12
CA PHE D 289 -19.98 -22.59 -23.04
C PHE D 289 -21.10 -23.01 -23.99
N GLN D 290 -21.27 -24.30 -24.22
CA GLN D 290 -22.34 -24.75 -25.10
C GLN D 290 -23.70 -24.58 -24.48
N ASP D 291 -23.80 -24.64 -23.14
CA ASP D 291 -25.06 -24.54 -22.42
C ASP D 291 -24.92 -23.51 -21.30
N VAL D 292 -25.17 -22.26 -21.63
CA VAL D 292 -25.08 -21.16 -20.67
C VAL D 292 -26.46 -20.54 -20.51
N THR D 293 -26.88 -20.35 -19.26
CA THR D 293 -28.15 -19.72 -18.94
C THR D 293 -27.98 -18.93 -17.65
N LYS D 294 -28.53 -17.73 -17.62
CA LYS D 294 -28.36 -16.84 -16.47
C LYS D 294 -29.26 -17.27 -15.33
N PRO D 295 -28.71 -17.60 -14.15
CA PRO D 295 -29.47 -17.99 -12.97
C PRO D 295 -29.60 -16.86 -11.96
N PRO E 179 -3.67 -10.56 -34.00
CA PRO E 179 -4.73 -10.90 -33.06
C PRO E 179 -6.11 -10.92 -33.72
N ASP E 180 -7.09 -11.56 -33.07
CA ASP E 180 -8.43 -11.64 -33.65
C ASP E 180 -9.23 -10.37 -33.44
N TYR E 181 -8.80 -9.47 -32.57
CA TYR E 181 -9.45 -8.19 -32.39
C TYR E 181 -8.81 -7.09 -33.22
N HIS E 182 -7.76 -7.40 -33.98
CA HIS E 182 -7.03 -6.38 -34.72
C HIS E 182 -7.93 -5.69 -35.76
N GLU E 183 -8.70 -6.49 -36.50
CA GLU E 183 -9.64 -5.89 -37.45
C GLU E 183 -10.72 -5.09 -36.74
N ASP E 184 -11.18 -5.58 -35.59
CA ASP E 184 -12.16 -4.83 -34.81
C ASP E 184 -11.59 -3.51 -34.32
N ILE E 185 -10.32 -3.51 -33.90
CA ILE E 185 -9.68 -2.28 -33.46
C ILE E 185 -9.55 -1.30 -34.62
N HIS E 186 -9.16 -1.81 -35.79
CA HIS E 186 -9.04 -0.92 -36.95
C HIS E 186 -10.39 -0.34 -37.34
N THR E 187 -11.44 -1.16 -37.32
CA THR E 187 -12.77 -0.66 -37.65
C THR E 187 -13.23 0.38 -36.64
N TYR E 188 -12.97 0.13 -35.36
CA TYR E 188 -13.34 1.10 -34.33
C TYR E 188 -12.59 2.41 -34.52
N LEU E 189 -11.30 2.33 -34.85
CA LEU E 189 -10.53 3.55 -35.09
C LEU E 189 -11.06 4.31 -36.28
N ARG E 190 -11.43 3.59 -37.35
CA ARG E 190 -11.99 4.25 -38.52
C ARG E 190 -13.30 4.94 -38.18
N GLU E 191 -14.14 4.29 -37.36
CA GLU E 191 -15.38 4.91 -36.94
C GLU E 191 -15.14 6.12 -36.05
N MET E 192 -14.18 6.03 -35.13
CA MET E 192 -13.96 7.06 -34.13
C MET E 192 -13.18 8.25 -34.66
N GLU E 193 -12.44 8.09 -35.75
CA GLU E 193 -11.75 9.24 -36.33
C GLU E 193 -12.72 10.24 -36.93
N VAL E 194 -13.93 9.80 -37.29
CA VAL E 194 -14.93 10.72 -37.81
C VAL E 194 -15.45 11.64 -36.71
N LYS E 195 -15.76 11.06 -35.55
CA LYS E 195 -16.37 11.85 -34.47
C LYS E 195 -15.37 12.80 -33.83
N CYS E 196 -14.08 12.47 -33.86
CA CYS E 196 -13.04 13.32 -33.29
C CYS E 196 -12.39 14.21 -34.35
N LYS E 197 -12.97 14.30 -35.53
CA LYS E 197 -12.39 15.11 -36.60
C LYS E 197 -12.66 16.58 -36.35
N PRO E 198 -11.64 17.43 -36.35
CA PRO E 198 -11.88 18.86 -36.16
C PRO E 198 -12.64 19.47 -37.33
N LYS E 199 -13.33 20.57 -37.05
CA LYS E 199 -14.07 21.26 -38.09
C LYS E 199 -13.13 21.79 -39.15
N VAL E 200 -13.50 21.59 -40.41
CA VAL E 200 -12.68 22.04 -41.53
C VAL E 200 -12.95 23.52 -41.78
N GLY E 201 -11.88 24.29 -41.98
CA GLY E 201 -12.03 25.71 -42.25
C GLY E 201 -12.26 26.58 -41.04
N TYR E 202 -12.03 26.07 -39.83
CA TYR E 202 -12.19 26.90 -38.65
C TYR E 202 -11.17 28.03 -38.60
N MET E 203 -10.10 27.93 -39.39
CA MET E 203 -9.06 28.95 -39.34
C MET E 203 -9.58 30.32 -39.77
N LYS E 204 -10.37 30.36 -40.83
CA LYS E 204 -10.91 31.63 -41.30
C LYS E 204 -12.05 32.14 -40.44
N LYS E 205 -12.59 31.31 -39.55
CA LYS E 205 -13.56 31.77 -38.57
C LYS E 205 -12.91 32.34 -37.32
N GLN E 206 -11.59 32.28 -37.21
CA GLN E 206 -10.89 32.83 -36.05
C GLN E 206 -10.49 34.26 -36.34
N PRO E 207 -10.97 35.24 -35.57
CA PRO E 207 -10.72 36.64 -35.92
C PRO E 207 -9.27 37.07 -35.71
N ASP E 208 -8.49 36.39 -34.89
CA ASP E 208 -7.15 36.84 -34.53
C ASP E 208 -6.06 35.93 -35.07
N ILE E 209 -6.09 34.64 -34.73
CA ILE E 209 -4.98 33.75 -35.03
C ILE E 209 -5.14 33.13 -36.41
N THR E 210 -4.02 32.76 -37.02
CA THR E 210 -4.05 32.23 -38.38
C THR E 210 -3.18 30.98 -38.52
N ASN E 211 -3.01 30.51 -39.75
CA ASN E 211 -2.32 29.24 -39.98
C ASN E 211 -0.84 29.33 -39.60
N SER E 212 -0.20 30.47 -39.88
CA SER E 212 1.22 30.60 -39.56
C SER E 212 1.47 30.50 -38.07
N MET E 213 0.63 31.15 -37.27
CA MET E 213 0.76 31.04 -35.82
C MET E 213 0.58 29.60 -35.36
N ARG E 214 -0.37 28.89 -35.97
CA ARG E 214 -0.55 27.47 -35.64
C ARG E 214 0.69 26.67 -35.97
N ALA E 215 1.33 26.97 -37.10
CA ALA E 215 2.55 26.26 -37.48
C ALA E 215 3.66 26.49 -36.46
N ILE E 216 3.84 27.74 -36.03
CA ILE E 216 4.85 28.02 -35.01
C ILE E 216 4.51 27.27 -33.72
N LEU E 217 3.24 27.25 -33.35
CA LEU E 217 2.84 26.55 -32.13
C LEU E 217 3.13 25.06 -32.21
N VAL E 218 2.81 24.43 -33.33
CA VAL E 218 3.03 23.00 -33.46
C VAL E 218 4.52 22.69 -33.47
N ASP E 219 5.32 23.53 -34.12
CA ASP E 219 6.76 23.33 -34.10
C ASP E 219 7.31 23.44 -32.68
N TRP E 220 6.83 24.43 -31.92
CA TRP E 220 7.26 24.55 -30.52
C TRP E 220 6.81 23.34 -29.72
N LEU E 221 5.65 22.78 -30.03
CA LEU E 221 5.18 21.58 -29.36
C LEU E 221 6.11 20.40 -29.64
N VAL E 222 6.56 20.27 -30.88
CA VAL E 222 7.50 19.21 -31.23
C VAL E 222 8.80 19.39 -30.44
N GLU E 223 9.29 20.63 -30.37
CA GLU E 223 10.52 20.90 -29.63
C GLU E 223 10.35 20.58 -28.15
N VAL E 224 9.20 20.92 -27.58
CA VAL E 224 8.94 20.64 -26.17
C VAL E 224 8.87 19.14 -25.92
N GLY E 225 8.19 18.41 -26.81
CA GLY E 225 8.12 16.97 -26.67
C GLY E 225 9.49 16.33 -26.74
N GLU E 226 10.37 16.86 -27.59
CA GLU E 226 11.75 16.40 -27.61
C GLU E 226 12.45 16.70 -26.29
N GLU E 227 12.24 17.89 -25.74
CA GLU E 227 12.97 18.31 -24.54
C GLU E 227 12.66 17.41 -23.36
N TYR E 228 11.40 17.03 -23.17
CA TYR E 228 10.98 16.23 -22.03
C TYR E 228 10.87 14.75 -22.35
N LYS E 229 11.30 14.33 -23.54
CA LYS E 229 11.31 12.93 -23.95
C LYS E 229 9.91 12.32 -23.89
N LEU E 230 8.96 12.99 -24.52
CA LEU E 230 7.60 12.48 -24.66
C LEU E 230 7.48 11.69 -25.95
N GLN E 231 6.48 10.81 -26.00
CA GLN E 231 6.24 9.99 -27.17
C GLN E 231 5.58 10.79 -28.28
N ASN E 232 5.66 10.26 -29.49
CA ASN E 232 5.05 10.94 -30.64
C ASN E 232 3.53 10.91 -30.56
N GLU E 233 2.98 9.85 -29.96
CA GLU E 233 1.53 9.78 -29.80
C GLU E 233 1.02 10.93 -28.96
N THR E 234 1.78 11.33 -27.94
CA THR E 234 1.40 12.48 -27.13
C THR E 234 1.32 13.75 -27.97
N LEU E 235 2.30 13.95 -28.87
CA LEU E 235 2.28 15.13 -29.73
C LEU E 235 1.09 15.10 -30.69
N HIS E 236 0.79 13.94 -31.27
CA HIS E 236 -0.36 13.83 -32.16
C HIS E 236 -1.64 14.14 -31.42
N LEU E 237 -1.79 13.61 -30.21
CA LEU E 237 -2.99 13.88 -29.42
C LEU E 237 -3.09 15.36 -29.06
N ALA E 238 -1.98 15.99 -28.69
CA ALA E 238 -2.02 17.40 -28.36
C ALA E 238 -2.44 18.25 -29.54
N VAL E 239 -1.91 17.95 -30.73
CA VAL E 239 -2.29 18.71 -31.91
C VAL E 239 -3.77 18.50 -32.22
N ASN E 240 -4.26 17.27 -32.06
CA ASN E 240 -5.67 17.01 -32.28
C ASN E 240 -6.54 17.80 -31.30
N TYR E 241 -6.14 17.85 -30.03
CA TYR E 241 -6.91 18.59 -29.04
C TYR E 241 -6.93 20.07 -29.37
N ILE E 242 -5.79 20.61 -29.81
CA ILE E 242 -5.74 22.02 -30.17
C ILE E 242 -6.68 22.30 -31.34
N ASP E 243 -6.64 21.45 -32.37
CA ASP E 243 -7.50 21.66 -33.52
C ASP E 243 -8.98 21.57 -33.14
N ARG E 244 -9.33 20.61 -32.29
CA ARG E 244 -10.73 20.47 -31.89
C ARG E 244 -11.17 21.63 -31.01
N PHE E 245 -10.28 22.13 -30.15
CA PHE E 245 -10.62 23.23 -29.26
C PHE E 245 -10.81 24.53 -30.03
N LEU E 246 -9.92 24.81 -30.98
CA LEU E 246 -10.05 26.02 -31.77
C LEU E 246 -11.22 25.97 -32.74
N SER E 247 -11.84 24.80 -32.93
CA SER E 247 -12.95 24.68 -33.85
C SER E 247 -14.26 25.18 -33.28
N SER E 248 -14.32 25.46 -31.99
CA SER E 248 -15.55 25.96 -31.37
C SER E 248 -15.33 27.16 -30.45
N MET E 249 -14.10 27.58 -30.22
CA MET E 249 -13.80 28.74 -29.37
C MET E 249 -12.86 29.68 -30.10
N SER E 250 -12.99 30.97 -29.80
CA SER E 250 -12.10 31.99 -30.34
C SER E 250 -11.09 32.39 -29.27
N VAL E 251 -9.84 32.55 -29.68
CA VAL E 251 -8.73 32.75 -28.76
C VAL E 251 -7.87 33.90 -29.27
N LEU E 252 -7.45 34.77 -28.35
CA LEU E 252 -6.54 35.85 -28.70
C LEU E 252 -5.13 35.31 -28.93
N ARG E 253 -4.36 36.04 -29.73
CA ARG E 253 -3.03 35.57 -30.11
C ARG E 253 -2.09 35.44 -28.92
N GLY E 254 -2.41 36.11 -27.80
CA GLY E 254 -1.59 35.95 -26.61
C GLY E 254 -1.91 34.72 -25.79
N LYS E 255 -3.07 34.11 -26.01
CA LYS E 255 -3.48 32.92 -25.29
C LYS E 255 -3.28 31.63 -26.09
N LEU E 256 -2.76 31.72 -27.31
CA LEU E 256 -2.58 30.54 -28.13
C LEU E 256 -1.55 29.59 -27.52
N GLN E 257 -0.43 30.12 -27.03
CA GLN E 257 0.56 29.28 -26.40
C GLN E 257 0.04 28.63 -25.13
N LEU E 258 -0.85 29.32 -24.41
CA LEU E 258 -1.48 28.72 -23.25
C LEU E 258 -2.35 27.54 -23.66
N VAL E 259 -3.09 27.68 -24.77
CA VAL E 259 -3.89 26.57 -25.29
C VAL E 259 -2.98 25.40 -25.64
N GLY E 260 -1.86 25.68 -26.30
CA GLY E 260 -0.93 24.62 -26.63
C GLY E 260 -0.37 23.91 -25.40
N THR E 261 -0.01 24.69 -24.38
CA THR E 261 0.53 24.11 -23.15
C THR E 261 -0.50 23.23 -22.46
N ALA E 262 -1.74 23.70 -22.38
CA ALA E 262 -2.78 22.89 -21.75
C ALA E 262 -3.06 21.62 -22.54
N ALA E 263 -3.07 21.72 -23.87
CA ALA E 263 -3.27 20.53 -24.69
C ALA E 263 -2.14 19.53 -24.50
N MET E 264 -0.90 20.00 -24.45
CA MET E 264 0.22 19.09 -24.25
C MET E 264 0.18 18.45 -22.87
N LEU E 265 -0.21 19.21 -21.85
CA LEU E 265 -0.34 18.64 -20.52
C LEU E 265 -1.43 17.58 -20.48
N LEU E 266 -2.57 17.84 -21.12
CA LEU E 266 -3.64 16.85 -21.17
C LEU E 266 -3.21 15.60 -21.90
N ALA E 267 -2.51 15.76 -23.03
CA ALA E 267 -2.03 14.60 -23.78
C ALA E 267 -1.02 13.80 -22.95
N SER E 268 -0.15 14.50 -22.22
CA SER E 268 0.79 13.80 -21.35
C SER E 268 0.08 13.02 -20.25
N LYS E 269 -0.97 13.62 -19.68
CA LYS E 269 -1.73 12.92 -18.65
C LYS E 269 -2.41 11.69 -19.22
N PHE E 270 -2.92 11.77 -20.45
CA PHE E 270 -3.63 10.65 -21.03
C PHE E 270 -2.69 9.53 -21.47
N GLU E 271 -1.57 9.88 -22.09
CA GLU E 271 -0.75 8.91 -22.81
C GLU E 271 0.53 8.52 -22.08
N GLU E 272 1.22 9.47 -21.47
CA GLU E 272 2.51 9.17 -20.87
C GLU E 272 2.37 8.27 -19.66
N ILE E 273 3.45 7.56 -19.35
CA ILE E 273 3.47 6.70 -18.18
C ILE E 273 3.38 7.52 -16.90
N TYR E 274 4.01 8.69 -16.89
CA TYR E 274 3.80 9.71 -15.87
C TYR E 274 4.02 11.08 -16.49
N PRO E 275 3.03 11.97 -16.43
CA PRO E 275 3.16 13.25 -17.11
C PRO E 275 4.17 14.13 -16.40
N PRO E 276 4.79 15.06 -17.11
CA PRO E 276 5.60 16.08 -16.44
C PRO E 276 4.72 16.96 -15.56
N GLU E 277 5.32 17.50 -14.51
CA GLU E 277 4.57 18.35 -13.60
C GLU E 277 4.16 19.64 -14.30
N VAL E 278 3.11 20.27 -13.77
CA VAL E 278 2.65 21.54 -14.32
C VAL E 278 3.74 22.60 -14.21
N ALA E 279 4.58 22.51 -13.17
CA ALA E 279 5.66 23.45 -13.02
C ALA E 279 6.62 23.41 -14.21
N GLU E 280 6.95 22.21 -14.68
CA GLU E 280 7.82 22.10 -15.84
C GLU E 280 7.16 22.71 -17.08
N PHE E 281 5.85 22.54 -17.22
CA PHE E 281 5.16 23.10 -18.38
C PHE E 281 5.16 24.62 -18.33
N VAL E 282 4.87 25.21 -17.17
CA VAL E 282 4.89 26.67 -17.10
C VAL E 282 6.31 27.20 -17.23
N TYR E 283 7.31 26.42 -16.81
CA TYR E 283 8.70 26.84 -16.95
C TYR E 283 9.14 26.81 -18.42
N ILE E 284 8.66 25.82 -19.18
CA ILE E 284 9.08 25.69 -20.56
C ILE E 284 8.61 26.85 -21.42
N THR E 285 7.63 27.62 -20.95
CA THR E 285 7.17 28.82 -21.64
C THR E 285 7.72 30.08 -20.99
N ASP E 286 8.95 29.99 -20.45
CA ASP E 286 9.64 31.03 -19.69
C ASP E 286 8.69 31.86 -18.84
N ASP E 287 7.82 31.19 -18.10
CA ASP E 287 6.91 31.83 -17.15
C ASP E 287 6.08 32.94 -17.79
N THR E 288 5.63 32.68 -19.03
CA THR E 288 4.71 33.60 -19.67
C THR E 288 3.34 33.56 -19.01
N TYR E 289 2.90 32.38 -18.61
CA TYR E 289 1.63 32.20 -17.92
C TYR E 289 1.87 31.62 -16.55
N THR E 290 0.97 31.92 -15.62
CA THR E 290 1.06 31.36 -14.29
C THR E 290 0.53 29.93 -14.27
N LYS E 291 0.83 29.21 -13.19
CA LYS E 291 0.33 27.85 -13.05
C LYS E 291 -1.20 27.84 -12.97
N LYS E 292 -1.78 28.84 -12.29
CA LYS E 292 -3.23 28.91 -12.19
C LYS E 292 -3.87 29.08 -13.56
N GLN E 293 -3.27 29.91 -14.41
CA GLN E 293 -3.79 30.08 -15.77
C GLN E 293 -3.75 28.77 -16.53
N VAL E 294 -2.65 28.02 -16.40
CA VAL E 294 -2.52 26.74 -17.09
C VAL E 294 -3.60 25.77 -16.61
N LEU E 295 -3.81 25.70 -15.29
CA LEU E 295 -4.82 24.79 -14.76
C LEU E 295 -6.23 25.20 -15.22
N ARG E 296 -6.53 26.49 -15.20
CA ARG E 296 -7.85 26.94 -15.63
C ARG E 296 -8.07 26.67 -17.10
N MET E 297 -7.06 26.89 -17.93
CA MET E 297 -7.20 26.63 -19.36
C MET E 297 -7.31 25.14 -19.64
N GLU E 298 -6.62 24.30 -18.86
CA GLU E 298 -6.79 22.86 -18.98
C GLU E 298 -8.22 22.46 -18.63
N HIS E 299 -8.77 23.05 -17.58
CA HIS E 299 -10.17 22.80 -17.24
C HIS E 299 -11.09 23.24 -18.37
N LEU E 300 -10.80 24.39 -18.98
CA LEU E 300 -11.64 24.88 -20.07
C LEU E 300 -11.57 23.95 -21.28
N VAL E 301 -10.38 23.45 -21.61
CA VAL E 301 -10.24 22.51 -22.71
C VAL E 301 -10.99 21.22 -22.44
N LEU E 302 -10.88 20.72 -21.21
CA LEU E 302 -11.63 19.51 -20.85
C LEU E 302 -13.13 19.74 -20.96
N LYS E 303 -13.59 20.92 -20.56
CA LYS E 303 -15.00 21.26 -20.67
C LYS E 303 -15.44 21.32 -22.14
N VAL E 304 -14.60 21.89 -23.00
CA VAL E 304 -14.97 22.04 -24.41
C VAL E 304 -14.99 20.69 -25.11
N LEU E 305 -13.98 19.86 -24.87
CA LEU E 305 -13.90 18.55 -25.51
C LEU E 305 -14.85 17.53 -24.89
N THR E 306 -15.42 17.82 -23.72
CA THR E 306 -16.30 16.90 -23.00
C THR E 306 -15.60 15.57 -22.70
N PHE E 307 -14.33 15.66 -22.33
CA PHE E 307 -13.52 14.52 -21.88
C PHE E 307 -13.31 13.47 -22.96
N ASP E 308 -13.48 13.83 -24.24
CA ASP E 308 -13.27 12.88 -25.33
C ASP E 308 -11.83 13.03 -25.81
N LEU E 309 -10.93 12.29 -25.17
CA LEU E 309 -9.51 12.45 -25.40
C LEU E 309 -8.85 11.25 -26.07
N ALA E 310 -9.56 10.14 -26.24
CA ALA E 310 -9.00 8.97 -26.92
C ALA E 310 -9.26 9.10 -28.43
N ALA E 311 -8.47 9.98 -29.04
CA ALA E 311 -8.64 10.32 -30.45
C ALA E 311 -7.72 9.49 -31.31
N PRO E 312 -8.23 8.83 -32.35
CA PRO E 312 -7.34 8.18 -33.31
C PRO E 312 -6.42 9.19 -33.98
N THR E 313 -5.17 8.79 -34.20
CA THR E 313 -4.15 9.66 -34.75
C THR E 313 -3.49 8.97 -35.93
N VAL E 314 -2.63 9.73 -36.63
CA VAL E 314 -1.85 9.15 -37.73
C VAL E 314 -0.90 8.10 -37.19
N ASN E 315 -0.36 8.31 -35.98
CA ASN E 315 0.57 7.36 -35.40
C ASN E 315 -0.08 5.99 -35.20
N GLN E 316 -1.31 5.96 -34.72
CA GLN E 316 -1.99 4.69 -34.47
C GLN E 316 -2.26 3.94 -35.77
N PHE E 317 -2.72 4.65 -36.80
CA PHE E 317 -2.98 4.00 -38.08
C PHE E 317 -1.69 3.52 -38.72
N LEU E 318 -0.60 4.27 -38.56
CA LEU E 318 0.69 3.81 -39.07
C LEU E 318 1.15 2.56 -38.34
N THR E 319 0.96 2.52 -37.02
CA THR E 319 1.29 1.31 -36.27
C THR E 319 0.46 0.13 -36.75
N GLN E 320 -0.82 0.37 -37.04
CA GLN E 320 -1.66 -0.68 -37.58
C GLN E 320 -1.18 -1.16 -38.95
N TYR E 321 -0.76 -0.22 -39.80
CA TYR E 321 -0.35 -0.57 -41.16
C TYR E 321 1.00 -1.29 -41.18
N PHE E 322 1.87 -1.00 -40.21
CA PHE E 322 3.21 -1.56 -40.23
C PHE E 322 3.23 -3.07 -40.11
N LEU E 323 2.12 -3.68 -39.68
CA LEU E 323 2.07 -5.12 -39.53
C LEU E 323 1.96 -5.86 -40.86
N HIS E 324 1.80 -5.16 -41.97
CA HIS E 324 1.60 -5.76 -43.28
C HIS E 324 2.82 -5.56 -44.17
N GLN E 325 4.01 -5.68 -43.60
CA GLN E 325 5.24 -5.48 -44.36
C GLN E 325 5.89 -6.81 -44.73
N ALA E 328 9.51 -6.27 -43.31
CA ALA E 328 9.67 -5.42 -42.14
C ALA E 328 10.95 -4.60 -42.21
N ASN E 329 10.84 -3.40 -42.75
CA ASN E 329 11.97 -2.50 -42.90
C ASN E 329 11.84 -1.35 -41.91
N CYS E 330 12.87 -1.16 -41.09
CA CYS E 330 12.83 -0.11 -40.08
C CYS E 330 12.98 1.27 -40.70
N LYS E 331 13.74 1.39 -41.79
CA LYS E 331 13.87 2.67 -42.47
C LYS E 331 12.52 3.15 -42.99
N VAL E 332 11.73 2.24 -43.56
CA VAL E 332 10.42 2.61 -44.05
C VAL E 332 9.54 3.09 -42.91
N GLU E 333 9.59 2.40 -41.77
CA GLU E 333 8.79 2.80 -40.62
C GLU E 333 9.18 4.20 -40.15
N SER E 334 10.48 4.46 -40.04
CA SER E 334 10.93 5.76 -39.57
C SER E 334 10.55 6.86 -40.54
N LEU E 335 10.66 6.60 -41.85
CA LEU E 335 10.31 7.63 -42.82
C LEU E 335 8.80 7.90 -42.84
N ALA E 336 8.00 6.84 -42.70
CA ALA E 336 6.55 7.04 -42.62
C ALA E 336 6.18 7.84 -41.39
N MET E 337 6.83 7.57 -40.25
CA MET E 337 6.59 8.38 -39.07
C MET E 337 6.99 9.83 -39.29
N PHE E 338 8.13 10.05 -39.96
CA PHE E 338 8.59 11.41 -40.25
C PHE E 338 7.58 12.15 -41.11
N LEU E 339 7.04 11.50 -42.14
CA LEU E 339 6.06 12.14 -42.99
C LEU E 339 4.75 12.40 -42.25
N GLY E 340 4.33 11.46 -41.40
CA GLY E 340 3.14 11.68 -40.61
C GLY E 340 3.27 12.87 -39.68
N GLU E 341 4.44 13.02 -39.06
CA GLU E 341 4.68 14.19 -38.22
C GLU E 341 4.75 15.47 -39.05
N LEU E 342 5.32 15.39 -40.25
CA LEU E 342 5.35 16.57 -41.12
C LEU E 342 3.95 17.01 -41.50
N SER E 343 3.01 16.07 -41.61
CA SER E 343 1.66 16.44 -41.96
C SER E 343 0.98 17.30 -40.90
N LEU E 344 1.54 17.36 -39.67
CA LEU E 344 0.91 18.14 -38.62
C LEU E 344 1.16 19.64 -38.76
N ILE E 345 2.28 20.02 -39.37
CA ILE E 345 2.67 21.43 -39.38
C ILE E 345 1.66 22.26 -40.16
N ASP E 346 1.26 21.79 -41.33
CA ASP E 346 0.34 22.53 -42.19
C ASP E 346 -1.10 22.15 -41.88
N ALA E 347 -1.94 23.15 -41.69
CA ALA E 347 -3.36 22.92 -41.47
C ALA E 347 -4.21 23.16 -42.71
N ASP E 348 -3.70 23.91 -43.68
CA ASP E 348 -4.49 24.18 -44.88
C ASP E 348 -4.77 22.94 -45.72
N PRO E 349 -3.77 22.14 -46.12
CA PRO E 349 -4.07 21.03 -47.05
C PRO E 349 -4.43 19.74 -46.34
N TYR E 350 -4.09 19.60 -45.06
CA TYR E 350 -4.20 18.31 -44.39
C TYR E 350 -5.40 18.19 -43.46
N LEU E 351 -6.00 19.30 -43.06
CA LEU E 351 -7.14 19.21 -42.15
C LEU E 351 -8.39 18.67 -42.82
N LYS E 352 -8.40 18.55 -44.15
CA LYS E 352 -9.53 17.98 -44.86
C LYS E 352 -9.42 16.47 -45.05
N TYR E 353 -8.32 15.87 -44.60
CA TYR E 353 -8.09 14.44 -44.75
C TYR E 353 -8.16 13.76 -43.39
N LEU E 354 -8.76 12.57 -43.38
CA LEU E 354 -8.81 11.78 -42.16
C LEU E 354 -7.42 11.25 -41.84
N PRO E 355 -7.14 10.96 -40.56
CA PRO E 355 -5.81 10.42 -40.21
C PRO E 355 -5.48 9.12 -40.92
N SER E 356 -6.47 8.28 -41.20
CA SER E 356 -6.20 7.03 -41.90
C SER E 356 -5.65 7.29 -43.29
N VAL E 357 -6.24 8.24 -44.01
CA VAL E 357 -5.79 8.55 -45.36
C VAL E 357 -4.37 9.10 -45.33
N ILE E 358 -4.08 9.99 -44.38
CA ILE E 358 -2.74 10.56 -44.27
C ILE E 358 -1.73 9.46 -43.95
N ALA E 359 -2.07 8.57 -43.04
CA ALA E 359 -1.15 7.48 -42.69
C ALA E 359 -0.91 6.58 -43.90
N GLY E 360 -1.96 6.27 -44.66
CA GLY E 360 -1.77 5.45 -45.85
C GLY E 360 -0.90 6.12 -46.89
N ALA E 361 -1.11 7.41 -47.13
CA ALA E 361 -0.27 8.14 -48.07
C ALA E 361 1.18 8.17 -47.61
N ALA E 362 1.40 8.40 -46.31
CA ALA E 362 2.76 8.43 -45.79
C ALA E 362 3.44 7.07 -45.91
N PHE E 363 2.70 6.00 -45.65
CA PHE E 363 3.26 4.66 -45.82
C PHE E 363 3.65 4.41 -47.27
N HIS E 364 2.76 4.78 -48.20
CA HIS E 364 3.08 4.61 -49.61
C HIS E 364 4.32 5.42 -50.00
N LEU E 365 4.41 6.66 -49.51
CA LEU E 365 5.55 7.50 -49.85
C LEU E 365 6.85 6.92 -49.32
N ALA E 366 6.83 6.42 -48.07
CA ALA E 366 8.03 5.84 -47.50
C ALA E 366 8.44 4.57 -48.25
N LEU E 367 7.47 3.73 -48.62
CA LEU E 367 7.77 2.54 -49.38
C LEU E 367 8.39 2.89 -50.74
N TYR E 368 7.82 3.88 -51.42
CA TYR E 368 8.36 4.29 -52.72
C TYR E 368 9.76 4.86 -52.58
N THR E 369 10.00 5.63 -51.51
CA THR E 369 11.31 6.26 -51.33
C THR E 369 12.39 5.22 -51.05
N VAL E 370 12.13 4.31 -50.11
CA VAL E 370 13.18 3.39 -49.68
C VAL E 370 13.25 2.18 -50.62
N THR E 371 12.15 1.44 -50.73
CA THR E 371 12.15 0.19 -51.48
C THR E 371 11.59 0.33 -52.90
N GLY E 372 10.85 1.38 -53.19
CA GLY E 372 10.29 1.57 -54.51
C GLY E 372 9.01 0.80 -54.79
N GLN E 373 8.48 0.07 -53.81
CA GLN E 373 7.25 -0.69 -54.00
C GLN E 373 6.04 0.24 -53.87
N SER E 374 4.85 -0.34 -53.81
CA SER E 374 3.62 0.42 -53.79
C SER E 374 2.76 -0.01 -52.62
N TRP E 375 1.55 0.54 -52.56
CA TRP E 375 0.52 0.26 -51.57
C TRP E 375 0.13 -1.22 -51.66
N PRO E 376 0.50 -2.03 -50.67
CA PRO E 376 0.29 -3.48 -50.79
C PRO E 376 -1.18 -3.87 -50.83
N GLU E 377 -1.45 -4.94 -51.57
CA GLU E 377 -2.83 -5.40 -51.76
C GLU E 377 -3.49 -5.77 -50.43
N SER E 378 -2.70 -6.28 -49.48
CA SER E 378 -3.26 -6.58 -48.16
C SER E 378 -3.83 -5.33 -47.50
N LEU E 379 -3.13 -4.20 -47.65
CA LEU E 379 -3.65 -2.96 -47.11
C LEU E 379 -4.88 -2.47 -47.86
N ILE E 380 -4.94 -2.70 -49.18
CA ILE E 380 -6.15 -2.34 -49.92
C ILE E 380 -7.35 -3.12 -49.40
N ARG E 381 -7.19 -4.42 -49.17
CA ARG E 381 -8.33 -5.19 -48.70
C ARG E 381 -8.65 -4.89 -47.24
N LYS E 382 -7.64 -4.54 -46.44
CA LYS E 382 -7.89 -4.21 -45.04
C LYS E 382 -8.64 -2.88 -44.91
N THR E 383 -8.17 -1.84 -45.61
CA THR E 383 -8.71 -0.50 -45.42
C THR E 383 -9.72 -0.10 -46.49
N GLY E 384 -9.66 -0.67 -47.68
CA GLY E 384 -10.52 -0.23 -48.75
C GLY E 384 -10.02 0.98 -49.50
N TYR E 385 -8.78 1.39 -49.28
CA TYR E 385 -8.20 2.55 -49.93
C TYR E 385 -7.38 2.09 -51.14
N THR E 386 -7.76 2.56 -52.32
CA THR E 386 -7.00 2.30 -53.53
C THR E 386 -5.97 3.40 -53.75
N LEU E 387 -5.18 3.27 -54.81
CA LEU E 387 -4.23 4.32 -55.15
C LEU E 387 -4.94 5.61 -55.54
N GLU E 388 -6.03 5.50 -56.29
CA GLU E 388 -6.75 6.69 -56.73
C GLU E 388 -7.30 7.48 -55.55
N SER E 389 -7.84 6.77 -54.55
CA SER E 389 -8.40 7.45 -53.38
C SER E 389 -7.31 8.15 -52.57
N LEU E 390 -6.13 7.54 -52.47
CA LEU E 390 -5.02 8.16 -51.76
C LEU E 390 -4.27 9.20 -52.60
N LYS E 391 -4.60 9.33 -53.88
CA LYS E 391 -3.84 10.21 -54.76
C LYS E 391 -3.77 11.66 -54.29
N PRO E 392 -4.89 12.33 -53.97
CA PRO E 392 -4.78 13.77 -53.62
C PRO E 392 -3.85 14.03 -52.45
N CYS E 393 -4.10 13.35 -51.32
CA CYS E 393 -3.18 13.43 -50.20
C CYS E 393 -1.78 12.99 -50.59
N LEU E 394 -1.67 12.10 -51.59
CA LEU E 394 -0.35 11.66 -52.02
C LEU E 394 0.44 12.81 -52.64
N MET E 395 -0.15 13.55 -53.57
CA MET E 395 0.61 14.67 -54.13
C MET E 395 0.81 15.78 -53.12
N ASP E 396 -0.16 16.01 -52.23
CA ASP E 396 0.07 17.00 -51.18
C ASP E 396 1.27 16.61 -50.30
N LEU E 397 1.33 15.35 -49.90
CA LEU E 397 2.45 14.90 -49.07
C LEU E 397 3.76 14.94 -49.83
N HIS E 398 3.74 14.59 -51.12
CA HIS E 398 4.97 14.64 -51.91
C HIS E 398 5.48 16.07 -52.04
N GLN E 399 4.58 17.02 -52.28
CA GLN E 399 4.99 18.42 -52.36
C GLN E 399 5.52 18.90 -51.02
N THR E 400 4.89 18.48 -49.92
CA THR E 400 5.42 18.82 -48.60
C THR E 400 6.82 18.27 -48.41
N TYR E 401 7.03 17.02 -48.83
CA TYR E 401 8.35 16.40 -48.69
C TYR E 401 9.40 17.13 -49.52
N LEU E 402 9.05 17.54 -50.74
CA LEU E 402 10.01 18.22 -51.60
C LEU E 402 10.46 19.55 -51.00
N LYS E 403 9.53 20.32 -50.45
CA LYS E 403 9.82 21.66 -49.95
C LYS E 403 10.16 21.67 -48.47
N ALA E 404 10.33 20.50 -47.86
CA ALA E 404 10.67 20.46 -46.44
C ALA E 404 11.96 21.21 -46.08
N PRO E 405 13.06 21.10 -46.85
CA PRO E 405 14.27 21.86 -46.44
C PRO E 405 14.07 23.35 -46.36
N GLN E 406 13.22 23.92 -47.21
CA GLN E 406 12.98 25.36 -47.21
C GLN E 406 11.92 25.79 -46.22
N HIS E 407 11.22 24.86 -45.59
CA HIS E 407 10.16 25.21 -44.66
C HIS E 407 10.72 25.95 -43.46
N ALA E 408 10.00 26.98 -43.02
CA ALA E 408 10.47 27.84 -41.94
C ALA E 408 10.59 27.08 -40.62
N GLN E 409 9.86 25.99 -40.44
CA GLN E 409 9.93 25.17 -39.24
C GLN E 409 10.71 23.90 -39.54
N GLN E 410 11.73 23.62 -38.73
CA GLN E 410 12.64 22.52 -39.02
C GLN E 410 12.89 21.60 -37.83
N SER E 411 12.17 21.77 -36.72
CA SER E 411 12.41 20.92 -35.56
C SER E 411 12.04 19.46 -35.81
N ILE E 412 11.14 19.19 -36.75
CA ILE E 412 10.80 17.81 -37.07
C ILE E 412 11.98 17.11 -37.74
N ARG E 413 12.58 17.76 -38.73
CA ARG E 413 13.75 17.18 -39.37
C ARG E 413 14.91 17.03 -38.40
N GLU E 414 15.14 18.04 -37.56
CA GLU E 414 16.15 17.91 -36.52
C GLU E 414 15.85 16.75 -35.59
N LYS E 415 14.56 16.50 -35.34
CA LYS E 415 14.17 15.34 -34.54
C LYS E 415 14.52 14.03 -35.24
N TYR E 416 14.28 13.96 -36.53
CA TYR E 416 14.51 12.73 -37.28
C TYR E 416 15.90 12.64 -37.88
N LYS E 417 16.79 13.59 -37.59
CA LYS E 417 18.19 13.45 -37.98
C LYS E 417 18.90 12.41 -37.14
N ASN E 418 18.41 12.14 -35.93
CA ASN E 418 19.10 11.25 -35.01
C ASN E 418 19.11 9.82 -35.55
N SER E 419 20.13 9.07 -35.14
CA SER E 419 20.24 7.66 -35.52
C SER E 419 19.14 6.82 -34.89
N LYS E 420 18.48 7.30 -33.83
CA LYS E 420 17.37 6.58 -33.25
C LYS E 420 16.25 6.39 -34.27
N TYR E 421 15.98 7.43 -35.07
CA TYR E 421 15.05 7.32 -36.19
C TYR E 421 15.77 7.00 -37.49
N HIS E 422 16.97 6.44 -37.41
CA HIS E 422 17.77 6.02 -38.56
C HIS E 422 18.16 7.18 -39.46
N GLY E 423 18.03 8.40 -38.98
CA GLY E 423 18.46 9.57 -39.74
C GLY E 423 17.78 9.69 -41.09
N VAL E 424 16.48 9.42 -41.16
CA VAL E 424 15.77 9.45 -42.43
C VAL E 424 15.42 10.86 -42.89
N SER E 425 15.63 11.86 -42.04
CA SER E 425 15.27 13.23 -42.43
C SER E 425 16.17 13.74 -43.53
N LEU E 426 17.44 13.38 -43.51
CA LEU E 426 18.41 13.81 -44.52
C LEU E 426 18.44 12.90 -45.73
N LEU E 427 17.37 12.15 -45.98
CA LEU E 427 17.28 11.31 -47.16
C LEU E 427 16.93 12.14 -48.39
N ASN E 428 16.79 11.47 -49.53
CA ASN E 428 16.50 12.14 -50.79
C ASN E 428 15.06 11.88 -51.21
N PRO E 429 14.19 12.89 -51.23
CA PRO E 429 12.82 12.65 -51.66
C PRO E 429 12.78 12.30 -53.14
N PRO E 430 11.81 11.50 -53.56
CA PRO E 430 11.67 11.20 -55.00
C PRO E 430 11.21 12.44 -55.76
N GLU E 431 11.88 12.74 -56.87
CA GLU E 431 11.53 13.90 -57.67
C GLU E 431 10.25 13.68 -58.46
N THR E 432 9.88 12.42 -58.73
CA THR E 432 8.66 12.09 -59.43
C THR E 432 7.93 10.99 -58.65
N LEU E 433 6.65 10.81 -58.96
CA LEU E 433 5.83 9.87 -58.22
C LEU E 433 4.96 8.98 -59.10
N ASN E 434 4.97 9.16 -60.42
CA ASN E 434 4.18 8.36 -61.34
C ASN E 434 2.69 8.39 -60.99
#